data_1RYQ
# 
_entry.id   1RYQ 
# 
_audit_conform.dict_name       mmcif_pdbx.dic 
_audit_conform.dict_version    5.386 
_audit_conform.dict_location   http://mmcif.pdb.org/dictionaries/ascii/mmcif_pdbx.dic 
# 
loop_
_database_2.database_id 
_database_2.database_code 
_database_2.pdbx_database_accession 
_database_2.pdbx_DOI 
PDB   1RYQ         pdb_00001ryq 10.2210/pdb1ryq/pdb 
RCSB  RCSB021157   ?            ?                   
WWPDB D_1000021157 ?            ?                   
# 
loop_
_pdbx_audit_revision_history.ordinal 
_pdbx_audit_revision_history.data_content_type 
_pdbx_audit_revision_history.major_revision 
_pdbx_audit_revision_history.minor_revision 
_pdbx_audit_revision_history.revision_date 
1 'Structure model' 1 0 2004-08-10 
2 'Structure model' 1 1 2008-04-29 
3 'Structure model' 1 2 2011-07-13 
4 'Structure model' 1 3 2017-10-11 
5 'Structure model' 1 4 2024-02-14 
# 
_pdbx_audit_revision_details.ordinal             1 
_pdbx_audit_revision_details.revision_ordinal    1 
_pdbx_audit_revision_details.data_content_type   'Structure model' 
_pdbx_audit_revision_details.provider            repository 
_pdbx_audit_revision_details.type                'Initial release' 
_pdbx_audit_revision_details.description         ? 
_pdbx_audit_revision_details.details             ? 
# 
loop_
_pdbx_audit_revision_group.ordinal 
_pdbx_audit_revision_group.revision_ordinal 
_pdbx_audit_revision_group.data_content_type 
_pdbx_audit_revision_group.group 
1 2 'Structure model' 'Version format compliance' 
2 3 'Structure model' 'Version format compliance' 
3 4 'Structure model' 'Refinement description'    
4 5 'Structure model' 'Data collection'           
5 5 'Structure model' 'Database references'       
6 5 'Structure model' 'Derived calculations'      
# 
loop_
_pdbx_audit_revision_category.ordinal 
_pdbx_audit_revision_category.revision_ordinal 
_pdbx_audit_revision_category.data_content_type 
_pdbx_audit_revision_category.category 
1 4 'Structure model' software           
2 5 'Structure model' chem_comp_atom     
3 5 'Structure model' chem_comp_bond     
4 5 'Structure model' database_2         
5 5 'Structure model' struct_conn        
6 5 'Structure model' struct_ref_seq_dif 
7 5 'Structure model' struct_site        
# 
loop_
_pdbx_audit_revision_item.ordinal 
_pdbx_audit_revision_item.revision_ordinal 
_pdbx_audit_revision_item.data_content_type 
_pdbx_audit_revision_item.item 
1  4 'Structure model' '_software.classification'            
2  4 'Structure model' '_software.name'                      
3  5 'Structure model' '_database_2.pdbx_DOI'                
4  5 'Structure model' '_database_2.pdbx_database_accession' 
5  5 'Structure model' '_struct_conn.ptnr1_auth_comp_id'     
6  5 'Structure model' '_struct_conn.ptnr1_auth_seq_id'      
7  5 'Structure model' '_struct_conn.ptnr1_label_asym_id'    
8  5 'Structure model' '_struct_conn.ptnr1_label_atom_id'    
9  5 'Structure model' '_struct_conn.ptnr1_label_comp_id'    
10 5 'Structure model' '_struct_conn.ptnr1_label_seq_id'     
11 5 'Structure model' '_struct_conn.ptnr2_auth_comp_id'     
12 5 'Structure model' '_struct_conn.ptnr2_auth_seq_id'      
13 5 'Structure model' '_struct_conn.ptnr2_label_asym_id'    
14 5 'Structure model' '_struct_conn.ptnr2_label_atom_id'    
15 5 'Structure model' '_struct_conn.ptnr2_label_comp_id'    
16 5 'Structure model' '_struct_conn.ptnr2_label_seq_id'     
17 5 'Structure model' '_struct_ref_seq_dif.details'         
18 5 'Structure model' '_struct_site.pdbx_auth_asym_id'      
19 5 'Structure model' '_struct_site.pdbx_auth_comp_id'      
20 5 'Structure model' '_struct_site.pdbx_auth_seq_id'       
# 
_pdbx_database_status.entry_id                        1RYQ 
_pdbx_database_status.deposit_site                    RCSB 
_pdbx_database_status.process_site                    RCSB 
_pdbx_database_status.recvd_initial_deposition_date   2003-12-22 
_pdbx_database_status.status_code                     REL 
_pdbx_database_status.SG_entry                        Y 
_pdbx_database_status.status_code_sf                  REL 
_pdbx_database_status.status_code_mr                  ? 
_pdbx_database_status.pdb_format_compatible           Y 
_pdbx_database_status.status_code_cs                  ? 
_pdbx_database_status.methods_development_category    ? 
_pdbx_database_status.status_code_nmr_data            ? 
# 
_pdbx_database_related.db_name        TargetDB 
_pdbx_database_related.db_id          Pfu-263306-001 
_pdbx_database_related.details        . 
_pdbx_database_related.content_type   unspecified 
# 
loop_
_audit_author.name 
_audit_author.pdbx_ordinal 
'Liu, Z.-J.'                                              1  
'Chen, L.'                                                2  
'Tempel, W.'                                              3  
'Shah, A.'                                                4  
'Arendall III, W.B.'                                      5  
'Rose, J.P.'                                              6  
'Brereton, P.S.'                                          7  
'Izumi, M.'                                               8  
'Jenney Jr., F.E.'                                        9  
'Lee, H.S.'                                               10 
'Poole II, F.L.'                                          11 
'Shah, C.'                                                12 
'Sugar, F.J.'                                             13 
'Adams, M.W.W.'                                           14 
'Richardson, D.C.'                                        15 
'Richardson, J.S.'                                        16 
'Wang, B.-C.'                                             17 
'Southeast Collaboratory for Structural Genomics (SECSG)' 18 
# 
loop_
_citation.id 
_citation.title 
_citation.journal_abbrev 
_citation.journal_volume 
_citation.page_first 
_citation.page_last 
_citation.year 
_citation.journal_id_ASTM 
_citation.country 
_citation.journal_id_ISSN 
_citation.journal_id_CSD 
_citation.book_publisher 
_citation.pdbx_database_id_PubMed 
_citation.pdbx_database_id_DOI 
primary 'Parameter-space screening: a powerful tool for high-throughput crystal structure determination.' 
'Acta Crystallogr.,Sect.D' 61 520 527 2005 ABCRE6 DK 0907-4449 0766 ? 15858261 10.1107/S0907444905003239 
1       'The high-throughput protein-to-structure pipeline at SECSG'                                      
'Acta Crystallogr.,Sect.D' 61 679 684 2005 ABCRE6 DK 0907-4449 0766 ? 15930619 10.1107/S0907444905013132 
# 
loop_
_citation_author.citation_id 
_citation_author.name 
_citation_author.ordinal 
_citation_author.identifier_ORCID 
primary 'Liu, Z.J.'        1  ? 
primary 'Lin, D.'          2  ? 
primary 'Tempel, W.'       3  ? 
primary 'Praissman, J.L.'  4  ? 
primary 'Rose, J.P.'       5  ? 
primary 'Wang, B.C.'       6  ? 
1       'Liu, Z.-J.'       7  ? 
1       'Tempel, W.'       8  ? 
1       'Ng, J.D.'         9  ? 
1       'Lin, D.'          10 ? 
1       'Shah, A.K.'       11 ? 
1       'Chen, L.'         12 ? 
1       'Horanyi, P.S.'    13 ? 
1       'Habel, J.E.'      14 ? 
1       'Kataeva, I.A.'    15 ? 
1       'Xu, H.'           16 ? 
1       'Yang, H.'         17 ? 
1       'Chang, J.C.'      18 ? 
1       'Huang, L.'        19 ? 
1       'Chang, S.H.'      20 ? 
1       'Zhou, W.'         21 ? 
1       'Lee, D.'          22 ? 
1       'Praissman, J.L.'  23 ? 
1       'Zhang, H.'        24 ? 
1       'Newton, M.G.'     25 ? 
1       'Rose, J.P.'       26 ? 
1       'Richardson, J.S.' 27 ? 
1       'Richardson, D.C.' 28 ? 
1       'Wang, B.C.'       29 ? 
# 
loop_
_entity.id 
_entity.type 
_entity.src_method 
_entity.pdbx_description 
_entity.formula_weight 
_entity.pdbx_number_of_molecules 
_entity.pdbx_ec 
_entity.pdbx_mutation 
_entity.pdbx_fragment 
_entity.details 
1 polymer     man 
;DNA-directed RNA polymerase, subunit e''
;
7877.938 1  ? ? ? ? 
2 non-polymer syn 'ZINC ION'                                 65.409   1  ? ? ? ? 
3 water       nat water                                      18.015   34 ? ? ? ? 
# 
_entity_poly.entity_id                      1 
_entity_poly.type                           'polypeptide(L)' 
_entity_poly.nstd_linkage                   no 
_entity_poly.nstd_monomer                   no 
_entity_poly.pdbx_seq_one_letter_code       AHHHHHHGSSEKACRHCHYITSEDRCPVCGSRDLSEEWFDLVIIVDVENSEIAKKIGAKVPGKYAIRVR 
_entity_poly.pdbx_seq_one_letter_code_can   AHHHHHHGSSEKACRHCHYITSEDRCPVCGSRDLSEEWFDLVIIVDVENSEIAKKIGAKVPGKYAIRVR 
_entity_poly.pdbx_strand_id                 A 
_entity_poly.pdbx_target_identifier         Pfu-263306-001 
# 
loop_
_pdbx_entity_nonpoly.entity_id 
_pdbx_entity_nonpoly.name 
_pdbx_entity_nonpoly.comp_id 
2 'ZINC ION' ZN  
3 water      HOH 
# 
loop_
_entity_poly_seq.entity_id 
_entity_poly_seq.num 
_entity_poly_seq.mon_id 
_entity_poly_seq.hetero 
1 1  ALA n 
1 2  HIS n 
1 3  HIS n 
1 4  HIS n 
1 5  HIS n 
1 6  HIS n 
1 7  HIS n 
1 8  GLY n 
1 9  SER n 
1 10 SER n 
1 11 GLU n 
1 12 LYS n 
1 13 ALA n 
1 14 CYS n 
1 15 ARG n 
1 16 HIS n 
1 17 CYS n 
1 18 HIS n 
1 19 TYR n 
1 20 ILE n 
1 21 THR n 
1 22 SER n 
1 23 GLU n 
1 24 ASP n 
1 25 ARG n 
1 26 CYS n 
1 27 PRO n 
1 28 VAL n 
1 29 CYS n 
1 30 GLY n 
1 31 SER n 
1 32 ARG n 
1 33 ASP n 
1 34 LEU n 
1 35 SER n 
1 36 GLU n 
1 37 GLU n 
1 38 TRP n 
1 39 PHE n 
1 40 ASP n 
1 41 LEU n 
1 42 VAL n 
1 43 ILE n 
1 44 ILE n 
1 45 VAL n 
1 46 ASP n 
1 47 VAL n 
1 48 GLU n 
1 49 ASN n 
1 50 SER n 
1 51 GLU n 
1 52 ILE n 
1 53 ALA n 
1 54 LYS n 
1 55 LYS n 
1 56 ILE n 
1 57 GLY n 
1 58 ALA n 
1 59 LYS n 
1 60 VAL n 
1 61 PRO n 
1 62 GLY n 
1 63 LYS n 
1 64 TYR n 
1 65 ALA n 
1 66 ILE n 
1 67 ARG n 
1 68 VAL n 
1 69 ARG n 
# 
_entity_src_gen.entity_id                          1 
_entity_src_gen.pdbx_src_id                        1 
_entity_src_gen.pdbx_alt_source_flag               sample 
_entity_src_gen.pdbx_seq_type                      ? 
_entity_src_gen.pdbx_beg_seq_num                   ? 
_entity_src_gen.pdbx_end_seq_num                   ? 
_entity_src_gen.gene_src_common_name               ? 
_entity_src_gen.gene_src_genus                     Pyrococcus 
_entity_src_gen.pdbx_gene_src_gene                 ? 
_entity_src_gen.gene_src_species                   ? 
_entity_src_gen.gene_src_strain                    ? 
_entity_src_gen.gene_src_tissue                    ? 
_entity_src_gen.gene_src_tissue_fraction           ? 
_entity_src_gen.gene_src_details                   ? 
_entity_src_gen.pdbx_gene_src_fragment             ? 
_entity_src_gen.pdbx_gene_src_scientific_name      'Pyrococcus furiosus' 
_entity_src_gen.pdbx_gene_src_ncbi_taxonomy_id     2261 
_entity_src_gen.pdbx_gene_src_variant              ? 
_entity_src_gen.pdbx_gene_src_cell_line            ? 
_entity_src_gen.pdbx_gene_src_atcc                 ? 
_entity_src_gen.pdbx_gene_src_organ                ? 
_entity_src_gen.pdbx_gene_src_organelle            ? 
_entity_src_gen.pdbx_gene_src_cell                 ? 
_entity_src_gen.pdbx_gene_src_cellular_location    ? 
_entity_src_gen.host_org_common_name               ? 
_entity_src_gen.pdbx_host_org_scientific_name      'Escherichia coli' 
_entity_src_gen.pdbx_host_org_ncbi_taxonomy_id     562 
_entity_src_gen.host_org_genus                     Escherichia 
_entity_src_gen.pdbx_host_org_gene                 ? 
_entity_src_gen.pdbx_host_org_organ                ? 
_entity_src_gen.host_org_species                   ? 
_entity_src_gen.pdbx_host_org_tissue               ? 
_entity_src_gen.pdbx_host_org_tissue_fraction      ? 
_entity_src_gen.pdbx_host_org_strain               ? 
_entity_src_gen.pdbx_host_org_variant              ? 
_entity_src_gen.pdbx_host_org_cell_line            ? 
_entity_src_gen.pdbx_host_org_atcc                 ? 
_entity_src_gen.pdbx_host_org_culture_collection   ? 
_entity_src_gen.pdbx_host_org_cell                 ? 
_entity_src_gen.pdbx_host_org_organelle            ? 
_entity_src_gen.pdbx_host_org_cellular_location    ? 
_entity_src_gen.pdbx_host_org_vector_type          ? 
_entity_src_gen.pdbx_host_org_vector               ? 
_entity_src_gen.host_org_details                   ? 
_entity_src_gen.expression_system_id               ? 
_entity_src_gen.plasmid_name                       ? 
_entity_src_gen.plasmid_details                    ? 
_entity_src_gen.pdbx_description                   ? 
# 
loop_
_chem_comp.id 
_chem_comp.type 
_chem_comp.mon_nstd_flag 
_chem_comp.name 
_chem_comp.pdbx_synonyms 
_chem_comp.formula 
_chem_comp.formula_weight 
ALA 'L-peptide linking' y ALANINE         ? 'C3 H7 N O2'     89.093  
ARG 'L-peptide linking' y ARGININE        ? 'C6 H15 N4 O2 1' 175.209 
ASN 'L-peptide linking' y ASPARAGINE      ? 'C4 H8 N2 O3'    132.118 
ASP 'L-peptide linking' y 'ASPARTIC ACID' ? 'C4 H7 N O4'     133.103 
CYS 'L-peptide linking' y CYSTEINE        ? 'C3 H7 N O2 S'   121.158 
GLU 'L-peptide linking' y 'GLUTAMIC ACID' ? 'C5 H9 N O4'     147.129 
GLY 'peptide linking'   y GLYCINE         ? 'C2 H5 N O2'     75.067  
HIS 'L-peptide linking' y HISTIDINE       ? 'C6 H10 N3 O2 1' 156.162 
HOH non-polymer         . WATER           ? 'H2 O'           18.015  
ILE 'L-peptide linking' y ISOLEUCINE      ? 'C6 H13 N O2'    131.173 
LEU 'L-peptide linking' y LEUCINE         ? 'C6 H13 N O2'    131.173 
LYS 'L-peptide linking' y LYSINE          ? 'C6 H15 N2 O2 1' 147.195 
PHE 'L-peptide linking' y PHENYLALANINE   ? 'C9 H11 N O2'    165.189 
PRO 'L-peptide linking' y PROLINE         ? 'C5 H9 N O2'     115.130 
SER 'L-peptide linking' y SERINE          ? 'C3 H7 N O3'     105.093 
THR 'L-peptide linking' y THREONINE       ? 'C4 H9 N O3'     119.119 
TRP 'L-peptide linking' y TRYPTOPHAN      ? 'C11 H12 N2 O2'  204.225 
TYR 'L-peptide linking' y TYROSINE        ? 'C9 H11 N O3'    181.189 
VAL 'L-peptide linking' y VALINE          ? 'C5 H11 N O2'    117.146 
ZN  non-polymer         . 'ZINC ION'      ? 'Zn 2'           65.409  
# 
loop_
_pdbx_poly_seq_scheme.asym_id 
_pdbx_poly_seq_scheme.entity_id 
_pdbx_poly_seq_scheme.seq_id 
_pdbx_poly_seq_scheme.mon_id 
_pdbx_poly_seq_scheme.ndb_seq_num 
_pdbx_poly_seq_scheme.pdb_seq_num 
_pdbx_poly_seq_scheme.auth_seq_num 
_pdbx_poly_seq_scheme.pdb_mon_id 
_pdbx_poly_seq_scheme.auth_mon_id 
_pdbx_poly_seq_scheme.pdb_strand_id 
_pdbx_poly_seq_scheme.pdb_ins_code 
_pdbx_poly_seq_scheme.hetero 
A 1 1  ALA 1  -7 ?  ?   ?   A . n 
A 1 2  HIS 2  -6 ?  ?   ?   A . n 
A 1 3  HIS 3  -5 -5 HIS HIS A . n 
A 1 4  HIS 4  -4 -4 HIS HIS A . n 
A 1 5  HIS 5  -3 -3 HIS HIS A . n 
A 1 6  HIS 6  -2 -2 HIS HIS A . n 
A 1 7  HIS 7  -1 -1 HIS HIS A . n 
A 1 8  GLY 8  0  ?  ?   ?   A . n 
A 1 9  SER 9  1  ?  ?   ?   A . n 
A 1 10 SER 10 2  ?  ?   ?   A . n 
A 1 11 GLU 11 3  3  GLU GLU A . n 
A 1 12 LYS 12 4  4  LYS LYS A . n 
A 1 13 ALA 13 5  5  ALA ALA A . n 
A 1 14 CYS 14 6  6  CYS CYS A . n 
A 1 15 ARG 15 7  7  ARG ARG A . n 
A 1 16 HIS 16 8  8  HIS HIS A . n 
A 1 17 CYS 17 9  9  CYS CYS A . n 
A 1 18 HIS 18 10 10 HIS HIS A . n 
A 1 19 TYR 19 11 11 TYR TYR A . n 
A 1 20 ILE 20 12 12 ILE ILE A . n 
A 1 21 THR 21 13 13 THR THR A . n 
A 1 22 SER 22 14 14 SER SER A . n 
A 1 23 GLU 23 15 15 GLU GLU A . n 
A 1 24 ASP 24 16 16 ASP ASP A . n 
A 1 25 ARG 25 17 17 ARG ARG A . n 
A 1 26 CYS 26 18 18 CYS CYS A . n 
A 1 27 PRO 27 19 19 PRO PRO A . n 
A 1 28 VAL 28 20 20 VAL VAL A . n 
A 1 29 CYS 29 21 21 CYS CYS A . n 
A 1 30 GLY 30 22 22 GLY GLY A . n 
A 1 31 SER 31 23 23 SER SER A . n 
A 1 32 ARG 32 24 24 ARG ARG A . n 
A 1 33 ASP 33 25 25 ASP ASP A . n 
A 1 34 LEU 34 26 26 LEU LEU A . n 
A 1 35 SER 35 27 27 SER SER A . n 
A 1 36 GLU 36 28 28 GLU GLU A . n 
A 1 37 GLU 37 29 29 GLU GLU A . n 
A 1 38 TRP 38 30 30 TRP TRP A . n 
A 1 39 PHE 39 31 31 PHE PHE A . n 
A 1 40 ASP 40 32 32 ASP ASP A . n 
A 1 41 LEU 41 33 33 LEU LEU A . n 
A 1 42 VAL 42 34 34 VAL VAL A . n 
A 1 43 ILE 43 35 35 ILE ILE A . n 
A 1 44 ILE 44 36 36 ILE ILE A . n 
A 1 45 VAL 45 37 37 VAL VAL A . n 
A 1 46 ASP 46 38 38 ASP ASP A . n 
A 1 47 VAL 47 39 39 VAL VAL A . n 
A 1 48 GLU 48 40 40 GLU GLU A . n 
A 1 49 ASN 49 41 41 ASN ASN A . n 
A 1 50 SER 50 42 42 SER SER A . n 
A 1 51 GLU 51 43 43 GLU GLU A . n 
A 1 52 ILE 52 44 44 ILE ILE A . n 
A 1 53 ALA 53 45 45 ALA ALA A . n 
A 1 54 LYS 54 46 46 LYS LYS A . n 
A 1 55 LYS 55 47 47 LYS LYS A . n 
A 1 56 ILE 56 48 48 ILE ILE A . n 
A 1 57 GLY 57 49 49 GLY GLY A . n 
A 1 58 ALA 58 50 50 ALA ALA A . n 
A 1 59 LYS 59 51 51 LYS LYS A . n 
A 1 60 VAL 60 52 52 VAL VAL A . n 
A 1 61 PRO 61 53 53 PRO PRO A . n 
A 1 62 GLY 62 54 54 GLY GLY A . n 
A 1 63 LYS 63 55 55 LYS LYS A . n 
A 1 64 TYR 64 56 56 TYR TYR A . n 
A 1 65 ALA 65 57 57 ALA ALA A . n 
A 1 66 ILE 66 58 58 ILE ILE A . n 
A 1 67 ARG 67 59 59 ARG ARG A . n 
A 1 68 VAL 68 60 60 VAL VAL A . n 
A 1 69 ARG 69 61 61 ARG ARG A . n 
# 
loop_
_pdbx_nonpoly_scheme.asym_id 
_pdbx_nonpoly_scheme.entity_id 
_pdbx_nonpoly_scheme.mon_id 
_pdbx_nonpoly_scheme.ndb_seq_num 
_pdbx_nonpoly_scheme.pdb_seq_num 
_pdbx_nonpoly_scheme.auth_seq_num 
_pdbx_nonpoly_scheme.pdb_mon_id 
_pdbx_nonpoly_scheme.auth_mon_id 
_pdbx_nonpoly_scheme.pdb_strand_id 
_pdbx_nonpoly_scheme.pdb_ins_code 
B 2 ZN  1  101 101 ZN  ZN  A . 
C 3 HOH 1  102 1   HOH HOH A . 
C 3 HOH 2  103 2   HOH HOH A . 
C 3 HOH 3  104 3   HOH HOH A . 
C 3 HOH 4  105 4   HOH HOH A . 
C 3 HOH 5  106 5   HOH HOH A . 
C 3 HOH 6  107 6   HOH HOH A . 
C 3 HOH 7  108 7   HOH HOH A . 
C 3 HOH 8  109 8   HOH HOH A . 
C 3 HOH 9  110 9   HOH HOH A . 
C 3 HOH 10 111 10  HOH HOH A . 
C 3 HOH 11 112 11  HOH HOH A . 
C 3 HOH 12 113 12  HOH HOH A . 
C 3 HOH 13 114 13  HOH HOH A . 
C 3 HOH 14 115 14  HOH HOH A . 
C 3 HOH 15 116 15  HOH HOH A . 
C 3 HOH 16 117 16  HOH HOH A . 
C 3 HOH 17 118 17  HOH HOH A . 
C 3 HOH 18 119 18  HOH HOH A . 
C 3 HOH 19 120 19  HOH HOH A . 
C 3 HOH 20 121 20  HOH HOH A . 
C 3 HOH 21 122 21  HOH HOH A . 
C 3 HOH 22 123 22  HOH HOH A . 
C 3 HOH 23 124 23  HOH HOH A . 
C 3 HOH 24 125 24  HOH HOH A . 
C 3 HOH 25 126 25  HOH HOH A . 
C 3 HOH 26 127 26  HOH HOH A . 
C 3 HOH 27 128 27  HOH HOH A . 
C 3 HOH 28 129 28  HOH HOH A . 
C 3 HOH 29 130 29  HOH HOH A . 
C 3 HOH 30 131 30  HOH HOH A . 
C 3 HOH 31 132 31  HOH HOH A . 
C 3 HOH 32 133 32  HOH HOH A . 
C 3 HOH 33 134 33  HOH HOH A . 
C 3 HOH 34 135 34  HOH HOH A . 
# 
loop_
_pdbx_unobs_or_zero_occ_atoms.id 
_pdbx_unobs_or_zero_occ_atoms.PDB_model_num 
_pdbx_unobs_or_zero_occ_atoms.polymer_flag 
_pdbx_unobs_or_zero_occ_atoms.occupancy_flag 
_pdbx_unobs_or_zero_occ_atoms.auth_asym_id 
_pdbx_unobs_or_zero_occ_atoms.auth_comp_id 
_pdbx_unobs_or_zero_occ_atoms.auth_seq_id 
_pdbx_unobs_or_zero_occ_atoms.PDB_ins_code 
_pdbx_unobs_or_zero_occ_atoms.auth_atom_id 
_pdbx_unobs_or_zero_occ_atoms.label_alt_id 
_pdbx_unobs_or_zero_occ_atoms.label_asym_id 
_pdbx_unobs_or_zero_occ_atoms.label_comp_id 
_pdbx_unobs_or_zero_occ_atoms.label_seq_id 
_pdbx_unobs_or_zero_occ_atoms.label_atom_id 
1  1 Y 1 A HIS -5 ? N   ? A HIS 3  N   
2  1 Y 1 A HIS -5 ? CB  ? A HIS 3  CB  
3  1 Y 1 A HIS -5 ? CG  ? A HIS 3  CG  
4  1 Y 1 A HIS -5 ? ND1 ? A HIS 3  ND1 
5  1 Y 1 A HIS -5 ? CD2 ? A HIS 3  CD2 
6  1 Y 1 A HIS -5 ? CE1 ? A HIS 3  CE1 
7  1 Y 1 A HIS -5 ? NE2 ? A HIS 3  NE2 
8  1 Y 1 A HIS -1 ? C   ? A HIS 7  C   
9  1 Y 1 A HIS -1 ? O   ? A HIS 7  O   
10 1 Y 1 A HIS -1 ? CB  ? A HIS 7  CB  
11 1 Y 1 A HIS -1 ? CG  ? A HIS 7  CG  
12 1 Y 1 A HIS -1 ? ND1 ? A HIS 7  ND1 
13 1 Y 1 A HIS -1 ? CD2 ? A HIS 7  CD2 
14 1 Y 1 A HIS -1 ? CE1 ? A HIS 7  CE1 
15 1 Y 1 A HIS -1 ? NE2 ? A HIS 7  NE2 
16 1 Y 1 A GLU 3  ? CD  ? A GLU 11 CD  
17 1 Y 1 A GLU 3  ? OE1 ? A GLU 11 OE1 
18 1 Y 1 A GLU 3  ? OE2 ? A GLU 11 OE2 
19 1 Y 1 A ASP 16 ? CG  ? A ASP 24 CG  
20 1 Y 1 A ASP 16 ? OD1 ? A ASP 24 OD1 
21 1 Y 1 A ASP 16 ? OD2 ? A ASP 24 OD2 
22 1 Y 1 A ARG 17 ? NH1 ? A ARG 25 NH1 
23 1 Y 1 A GLU 40 ? CD  ? A GLU 48 CD  
24 1 Y 1 A GLU 40 ? OE1 ? A GLU 48 OE1 
25 1 Y 1 A GLU 40 ? OE2 ? A GLU 48 OE2 
26 1 Y 1 A LYS 46 ? CD  ? A LYS 54 CD  
27 1 Y 1 A LYS 46 ? CE  ? A LYS 54 CE  
28 1 Y 1 A LYS 46 ? NZ  ? A LYS 54 NZ  
29 1 Y 1 A LYS 47 ? CE  ? A LYS 55 CE  
30 1 Y 1 A LYS 47 ? NZ  ? A LYS 55 NZ  
31 1 Y 1 A LYS 51 ? NZ  ? A LYS 59 NZ  
32 1 Y 1 A ARG 61 ? CG  ? A ARG 69 CG  
33 1 Y 1 A ARG 61 ? CD  ? A ARG 69 CD  
34 1 Y 1 A ARG 61 ? NE  ? A ARG 69 NE  
35 1 Y 1 A ARG 61 ? CZ  ? A ARG 69 CZ  
36 1 Y 1 A ARG 61 ? NH1 ? A ARG 69 NH1 
37 1 Y 1 A ARG 61 ? NH2 ? A ARG 69 NH2 
# 
loop_
_software.classification 
_software.contact_author 
_software.contact_author_email 
_software.description 
_software.name 
_software.version 
_software.citation_id 
_software.pdbx_ordinal 
refinement        'Garib N. Murshudov' garib@ysbl.york.ac.uk 
'(un)restrained refinement or idealisation of macromolecularstructures' REFMAC    'refmac_5.1.24 24/04/2001' ? 1 
'data collection' ?                    ?                     ? MAR345    .                          ? 2 
'data scaling'    ?                    ?                     ? SCALEPACK .                          ? 3 
phasing           ?                    ?                     ? SOLVE     .                          ? 4 
# 
_cell.entry_id           1RYQ 
_cell.length_a           45.534 
_cell.length_b           45.534 
_cell.length_c           50.760 
_cell.angle_alpha        90.00 
_cell.angle_beta         90.00 
_cell.angle_gamma        120.00 
_cell.Z_PDB              6 
_cell.pdbx_unique_axis   ? 
# 
_symmetry.entry_id                         1RYQ 
_symmetry.space_group_name_H-M             'P 32 2 1' 
_symmetry.pdbx_full_space_group_name_H-M   ? 
_symmetry.cell_setting                     ? 
_symmetry.Int_Tables_number                154 
_symmetry.space_group_name_Hall            ? 
# 
_exptl.entry_id          1RYQ 
_exptl.method            'X-RAY DIFFRACTION' 
_exptl.crystals_number   1 
# 
_exptl_crystal.id                    1 
_exptl_crystal.density_meas          ? 
_exptl_crystal.density_Matthews      1.93 
_exptl_crystal.density_percent_sol   36.21 
_exptl_crystal.description           ? 
_exptl_crystal.F_000                 ? 
_exptl_crystal.preparation           ? 
# 
_exptl_crystal_grow.crystal_id      1 
_exptl_crystal_grow.method          ? 
_exptl_crystal_grow.temp            297 
_exptl_crystal_grow.temp_details    ? 
_exptl_crystal_grow.pH              6.60 
_exptl_crystal_grow.pdbx_details    
'100mM sodium citrate, 25% PEG 3000, pH 6.6, modified batch crystallization, temperature 297K, pH 6.60' 
_exptl_crystal_grow.pdbx_pH_range   . 
# 
_diffrn.id                     1 
_diffrn.ambient_temp           100.0 
_diffrn.ambient_temp_details   ? 
_diffrn.crystal_id             1 
# 
_diffrn_detector.diffrn_id              1 
_diffrn_detector.detector               CCD 
_diffrn_detector.type                   MARRESEARCH 
_diffrn_detector.pdbx_collection_date   2003-08-08 
_diffrn_detector.details                ? 
# 
_diffrn_radiation.diffrn_id                        1 
_diffrn_radiation.wavelength_id                    1 
_diffrn_radiation.pdbx_monochromatic_or_laue_m_l   M 
_diffrn_radiation.monochromator                    ? 
_diffrn_radiation.pdbx_diffrn_protocol             'SINGLE WAVELENGTH' 
_diffrn_radiation.pdbx_scattering_type             x-ray 
# 
_diffrn_radiation_wavelength.id           1 
_diffrn_radiation_wavelength.wavelength   1.000 
_diffrn_radiation_wavelength.wt           1.0 
# 
_diffrn_source.diffrn_id                   1 
_diffrn_source.source                      SYNCHROTRON 
_diffrn_source.type                        'APS BEAMLINE 22-ID' 
_diffrn_source.pdbx_synchrotron_site       APS 
_diffrn_source.pdbx_synchrotron_beamline   22-ID 
_diffrn_source.pdbx_wavelength             1.000 
_diffrn_source.pdbx_wavelength_list        ? 
# 
_reflns.entry_id                     1RYQ 
_reflns.observed_criterion_sigma_I   ? 
_reflns.observed_criterion_sigma_F   ? 
_reflns.d_resolution_low             50.000 
_reflns.d_resolution_high            1.380 
_reflns.number_obs                   12502 
_reflns.number_all                   ? 
_reflns.percent_possible_obs         ? 
_reflns.pdbx_Rmerge_I_obs            0.062 
_reflns.pdbx_Rsym_value              ? 
_reflns.pdbx_netI_over_sigmaI        ? 
_reflns.B_iso_Wilson_estimate        ? 
_reflns.pdbx_redundancy              ? 
_reflns.R_free_details               ? 
_reflns.limit_h_max                  ? 
_reflns.limit_h_min                  ? 
_reflns.limit_k_max                  ? 
_reflns.limit_k_min                  ? 
_reflns.limit_l_max                  ? 
_reflns.limit_l_min                  ? 
_reflns.observed_criterion_F_max     ? 
_reflns.observed_criterion_F_min     ? 
_reflns.pdbx_chi_squared             ? 
_reflns.pdbx_scaling_rejects         ? 
_reflns.pdbx_diffrn_id               1 
_reflns.pdbx_ordinal                 1 
# 
_reflns_shell.d_res_high             1.38 
_reflns_shell.d_res_low              1.43 
_reflns_shell.percent_possible_all   79.9 
_reflns_shell.Rmerge_I_obs           0.207 
_reflns_shell.pdbx_Rsym_value        ? 
_reflns_shell.meanI_over_sigI_obs    ? 
_reflns_shell.pdbx_redundancy        ? 
_reflns_shell.percent_possible_obs   ? 
_reflns_shell.number_unique_all      ? 
_reflns_shell.number_measured_all    ? 
_reflns_shell.number_measured_obs    ? 
_reflns_shell.number_unique_obs      ? 
_reflns_shell.pdbx_chi_squared       ? 
_reflns_shell.pdbx_diffrn_id         ? 
_reflns_shell.pdbx_ordinal           1 
# 
_refine.entry_id                                 1RYQ 
_refine.ls_number_reflns_obs                     11867 
_refine.ls_number_reflns_all                     ? 
_refine.pdbx_ls_sigma_I                          ? 
_refine.pdbx_ls_sigma_F                          ? 
_refine.pdbx_data_cutoff_high_absF               ? 
_refine.pdbx_data_cutoff_low_absF                ? 
_refine.pdbx_data_cutoff_high_rms_absF           ? 
_refine.ls_d_res_low                             39.53 
_refine.ls_d_res_high                            1.38 
_refine.ls_percent_reflns_obs                    97.31 
_refine.ls_R_factor_obs                          0.19374 
_refine.ls_R_factor_all                          ? 
_refine.ls_R_factor_R_work                       0.19321 
_refine.ls_R_factor_R_free                       0.20435 
_refine.ls_R_factor_R_free_error                 ? 
_refine.ls_R_factor_R_free_error_details         ? 
_refine.ls_percent_reflns_R_free                 4.9 
_refine.ls_number_reflns_R_free                  607 
_refine.ls_number_parameters                     ? 
_refine.ls_number_restraints                     ? 
_refine.occupancy_min                            ? 
_refine.occupancy_max                            ? 
_refine.correlation_coeff_Fo_to_Fc               0.949 
_refine.correlation_coeff_Fo_to_Fc_free          0.943 
_refine.B_iso_mean                               18.317 
_refine.aniso_B[1][1]                            0.74 
_refine.aniso_B[2][2]                            0.74 
_refine.aniso_B[3][3]                            -1.12 
_refine.aniso_B[1][2]                            0.37 
_refine.aniso_B[1][3]                            0.00 
_refine.aniso_B[2][3]                            0.00 
_refine.solvent_model_details                    'BABINET MODEL WITH MASK' 
_refine.solvent_model_param_ksol                 ? 
_refine.solvent_model_param_bsol                 ? 
_refine.pdbx_solvent_vdw_probe_radii             1.40 
_refine.pdbx_solvent_ion_probe_radii             0.80 
_refine.pdbx_solvent_shrinkage_radii             0.80 
_refine.pdbx_ls_cross_valid_method               THROUGHOUT 
_refine.details                                  ? 
_refine.pdbx_starting_model                      ? 
_refine.pdbx_method_to_determine_struct          SAD 
_refine.pdbx_isotropic_thermal_model             ? 
_refine.pdbx_stereochemistry_target_values       'MAXIMUM LIKELIHOOD' 
_refine.pdbx_stereochem_target_val_spec_case     ? 
_refine.pdbx_R_Free_selection_details            RANDOM 
_refine.pdbx_overall_ESU_R                       0.064 
_refine.pdbx_overall_ESU_R_Free                  0.061 
_refine.overall_SU_ML                            ? 
_refine.overall_SU_B                             ? 
_refine.ls_redundancy_reflns_obs                 ? 
_refine.B_iso_min                                ? 
_refine.B_iso_max                                ? 
_refine.overall_SU_R_Cruickshank_DPI             ? 
_refine.overall_SU_R_free                        ? 
_refine.ls_wR_factor_R_free                      ? 
_refine.ls_wR_factor_R_work                      ? 
_refine.overall_FOM_free_R_set                   ? 
_refine.overall_FOM_work_R_set                   ? 
_refine.pdbx_refine_id                           'X-RAY DIFFRACTION' 
_refine.pdbx_diffrn_id                           1 
_refine.pdbx_TLS_residual_ADP_flag               ? 
_refine.pdbx_overall_phase_error                 ? 
_refine.pdbx_overall_SU_R_free_Cruickshank_DPI   ? 
_refine.pdbx_overall_SU_R_Blow_DPI               ? 
_refine.pdbx_overall_SU_R_free_Blow_DPI          ? 
# 
_refine_hist.pdbx_refine_id                   'X-RAY DIFFRACTION' 
_refine_hist.cycle_id                         LAST 
_refine_hist.pdbx_number_atoms_protein        489 
_refine_hist.pdbx_number_atoms_nucleic_acid   0 
_refine_hist.pdbx_number_atoms_ligand         1 
_refine_hist.number_atoms_solvent             34 
_refine_hist.number_atoms_total               524 
_refine_hist.d_res_high                       1.38 
_refine_hist.d_res_low                        39.53 
# 
loop_
_refine_ls_restr.type 
_refine_ls_restr.dev_ideal 
_refine_ls_restr.dev_ideal_target 
_refine_ls_restr.weight 
_refine_ls_restr.number 
_refine_ls_restr.pdbx_refine_id 
_refine_ls_restr.pdbx_restraint_function 
r_bond_refined_d         0.011 0.021 ? 499 'X-RAY DIFFRACTION' ? 
r_bond_other_d           ?     ?     ? ?   'X-RAY DIFFRACTION' ? 
r_angle_refined_deg      1.337 1.913 ? 673 'X-RAY DIFFRACTION' ? 
r_angle_other_deg        ?     ?     ? ?   'X-RAY DIFFRACTION' ? 
r_dihedral_angle_1_deg   4.508 5.000 ? 62  'X-RAY DIFFRACTION' ? 
r_dihedral_angle_2_deg   ?     ?     ? ?   'X-RAY DIFFRACTION' ? 
r_dihedral_angle_3_deg   ?     ?     ? ?   'X-RAY DIFFRACTION' ? 
r_dihedral_angle_4_deg   ?     ?     ? ?   'X-RAY DIFFRACTION' ? 
r_chiral_restr           0.093 0.200 ? 76  'X-RAY DIFFRACTION' ? 
r_gen_planes_refined     0.007 0.020 ? 373 'X-RAY DIFFRACTION' ? 
r_gen_planes_other       0.002 0.020 ? 1   'X-RAY DIFFRACTION' ? 
r_nbd_refined            0.184 0.200 ? 198 'X-RAY DIFFRACTION' ? 
r_nbd_other              ?     ?     ? ?   'X-RAY DIFFRACTION' ? 
r_nbtor_refined          ?     ?     ? ?   'X-RAY DIFFRACTION' ? 
r_nbtor_other            ?     ?     ? ?   'X-RAY DIFFRACTION' ? 
r_xyhbond_nbd_refined    0.090 0.200 ? 23  'X-RAY DIFFRACTION' ? 
r_xyhbond_nbd_other      ?     ?     ? ?   'X-RAY DIFFRACTION' ? 
r_metal_ion_refined      ?     ?     ? ?   'X-RAY DIFFRACTION' ? 
r_metal_ion_other        ?     ?     ? ?   'X-RAY DIFFRACTION' ? 
r_symmetry_vdw_refined   0.146 0.200 ? 23  'X-RAY DIFFRACTION' ? 
r_symmetry_vdw_other     ?     ?     ? ?   'X-RAY DIFFRACTION' ? 
r_symmetry_hbond_refined 0.123 0.200 ? 6   'X-RAY DIFFRACTION' ? 
r_symmetry_hbond_other   ?     ?     ? ?   'X-RAY DIFFRACTION' ? 
r_mcbond_it              1.906 2.000 ? 314 'X-RAY DIFFRACTION' ? 
r_mcbond_other           ?     ?     ? ?   'X-RAY DIFFRACTION' ? 
r_mcangle_it             3.074 3.000 ? 507 'X-RAY DIFFRACTION' ? 
r_scbond_it              3.210 2.000 ? 185 'X-RAY DIFFRACTION' ? 
r_scangle_it             5.066 3.000 ? 166 'X-RAY DIFFRACTION' ? 
r_rigid_bond_restr       ?     ?     ? ?   'X-RAY DIFFRACTION' ? 
r_sphericity_free        ?     ?     ? ?   'X-RAY DIFFRACTION' ? 
r_sphericity_bonded      ?     ?     ? ?   'X-RAY DIFFRACTION' ? 
# 
_refine_ls_shell.pdbx_total_number_of_bins_used   20 
_refine_ls_shell.d_res_high                       1.38 
_refine_ls_shell.d_res_low                        1.420 
_refine_ls_shell.number_reflns_R_work             746 
_refine_ls_shell.R_factor_R_work                  0.219 
_refine_ls_shell.percent_reflns_obs               ? 
_refine_ls_shell.R_factor_R_free                  0.284 
_refine_ls_shell.R_factor_R_free_error            ? 
_refine_ls_shell.percent_reflns_R_free            ? 
_refine_ls_shell.number_reflns_R_free             40 
_refine_ls_shell.redundancy_reflns_obs            ? 
_refine_ls_shell.number_reflns_all                ? 
_refine_ls_shell.number_reflns_obs                ? 
_refine_ls_shell.pdbx_refine_id                   'X-RAY DIFFRACTION' 
_refine_ls_shell.R_factor_all                     ? 
# 
_struct.entry_id                  1RYQ 
_struct.title                     
;Putative DNA-directed RNA polymerase, subunit e'' from Pyrococcus Furiosus Pfu-263306-001
;
_struct.pdbx_model_details        ? 
_struct.pdbx_CASP_flag            ? 
_struct.pdbx_model_type_details   ? 
# 
_struct_keywords.entry_id        1RYQ 
_struct_keywords.pdbx_keywords   TRANSFERASE 
_struct_keywords.text            
;Structural genomics, RNA polymerase, Zinc, PSI, Protein Structure Initiative, Southeast Collaboratory for Structural Genomics, SECSG, TRANSFERASE
;
# 
loop_
_struct_asym.id 
_struct_asym.pdbx_blank_PDB_chainid_flag 
_struct_asym.pdbx_modified 
_struct_asym.entity_id 
_struct_asym.details 
A N N 1 ? 
B N N 2 ? 
C N N 3 ? 
# 
_struct_ref.id                         1 
_struct_ref.db_name                    UNP 
_struct_ref.db_code                    Q8U440_PYRFU 
_struct_ref.pdbx_db_accession          Q8U440 
_struct_ref.entity_id                  1 
_struct_ref.pdbx_seq_one_letter_code   SEKACRHCHYITSEDRCPVCGSRDLSEEWFDLVIIVDVENSEIAKKIGAKVPGKYAIRVR 
_struct_ref.pdbx_align_begin           2 
_struct_ref.pdbx_db_isoform            ? 
# 
_struct_ref_seq.align_id                      1 
_struct_ref_seq.ref_id                        1 
_struct_ref_seq.pdbx_PDB_id_code              1RYQ 
_struct_ref_seq.pdbx_strand_id                A 
_struct_ref_seq.seq_align_beg                 10 
_struct_ref_seq.pdbx_seq_align_beg_ins_code   ? 
_struct_ref_seq.seq_align_end                 69 
_struct_ref_seq.pdbx_seq_align_end_ins_code   ? 
_struct_ref_seq.pdbx_db_accession             Q8U440 
_struct_ref_seq.db_align_beg                  2 
_struct_ref_seq.pdbx_db_align_beg_ins_code    ? 
_struct_ref_seq.db_align_end                  61 
_struct_ref_seq.pdbx_db_align_end_ins_code    ? 
_struct_ref_seq.pdbx_auth_seq_align_beg       2 
_struct_ref_seq.pdbx_auth_seq_align_end       61 
# 
loop_
_struct_ref_seq_dif.align_id 
_struct_ref_seq_dif.pdbx_pdb_id_code 
_struct_ref_seq_dif.mon_id 
_struct_ref_seq_dif.pdbx_pdb_strand_id 
_struct_ref_seq_dif.seq_num 
_struct_ref_seq_dif.pdbx_pdb_ins_code 
_struct_ref_seq_dif.pdbx_seq_db_name 
_struct_ref_seq_dif.pdbx_seq_db_accession_code 
_struct_ref_seq_dif.db_mon_id 
_struct_ref_seq_dif.pdbx_seq_db_seq_num 
_struct_ref_seq_dif.details 
_struct_ref_seq_dif.pdbx_auth_seq_num 
_struct_ref_seq_dif.pdbx_ordinal 
1 1RYQ ALA A 1 ? UNP Q8U440 ? ? 'expression tag' -7 1 
1 1RYQ HIS A 2 ? UNP Q8U440 ? ? 'expression tag' -6 2 
1 1RYQ HIS A 3 ? UNP Q8U440 ? ? 'expression tag' -5 3 
1 1RYQ HIS A 4 ? UNP Q8U440 ? ? 'expression tag' -4 4 
1 1RYQ HIS A 5 ? UNP Q8U440 ? ? 'expression tag' -3 5 
1 1RYQ HIS A 6 ? UNP Q8U440 ? ? 'expression tag' -2 6 
1 1RYQ HIS A 7 ? UNP Q8U440 ? ? 'expression tag' -1 7 
1 1RYQ GLY A 8 ? UNP Q8U440 ? ? 'expression tag' 0  8 
1 1RYQ SER A 9 ? UNP Q8U440 ? ? 'expression tag' 1  9 
# 
_pdbx_struct_assembly.id                   1 
_pdbx_struct_assembly.details              author_defined_assembly 
_pdbx_struct_assembly.method_details       ? 
_pdbx_struct_assembly.oligomeric_details   monomeric 
_pdbx_struct_assembly.oligomeric_count     1 
# 
_pdbx_struct_assembly_gen.assembly_id       1 
_pdbx_struct_assembly_gen.oper_expression   1 
_pdbx_struct_assembly_gen.asym_id_list      A,B,C 
# 
_pdbx_struct_oper_list.id                   1 
_pdbx_struct_oper_list.type                 'identity operation' 
_pdbx_struct_oper_list.name                 1_555 
_pdbx_struct_oper_list.symmetry_operation   x,y,z 
_pdbx_struct_oper_list.matrix[1][1]         1.0000000000 
_pdbx_struct_oper_list.matrix[1][2]         0.0000000000 
_pdbx_struct_oper_list.matrix[1][3]         0.0000000000 
_pdbx_struct_oper_list.vector[1]            0.0000000000 
_pdbx_struct_oper_list.matrix[2][1]         0.0000000000 
_pdbx_struct_oper_list.matrix[2][2]         1.0000000000 
_pdbx_struct_oper_list.matrix[2][3]         0.0000000000 
_pdbx_struct_oper_list.vector[2]            0.0000000000 
_pdbx_struct_oper_list.matrix[3][1]         0.0000000000 
_pdbx_struct_oper_list.matrix[3][2]         0.0000000000 
_pdbx_struct_oper_list.matrix[3][3]         1.0000000000 
_pdbx_struct_oper_list.vector[3]            0.0000000000 
# 
loop_
_struct_conf.conf_type_id 
_struct_conf.id 
_struct_conf.pdbx_PDB_helix_id 
_struct_conf.beg_label_comp_id 
_struct_conf.beg_label_asym_id 
_struct_conf.beg_label_seq_id 
_struct_conf.pdbx_beg_PDB_ins_code 
_struct_conf.end_label_comp_id 
_struct_conf.end_label_asym_id 
_struct_conf.end_label_seq_id 
_struct_conf.pdbx_end_PDB_ins_code 
_struct_conf.beg_auth_comp_id 
_struct_conf.beg_auth_asym_id 
_struct_conf.beg_auth_seq_id 
_struct_conf.end_auth_comp_id 
_struct_conf.end_auth_asym_id 
_struct_conf.end_auth_seq_id 
_struct_conf.pdbx_PDB_helix_class 
_struct_conf.details 
_struct_conf.pdbx_PDB_helix_length 
HELX_P HELX_P1 1 ASP A 46 ? ASN A 49 ? ASP A 38 ASN A 41 5 ? 4 
HELX_P HELX_P2 2 SER A 50 ? GLY A 57 ? SER A 42 GLY A 49 1 ? 8 
# 
_struct_conf_type.id          HELX_P 
_struct_conf_type.criteria    ? 
_struct_conf_type.reference   ? 
# 
loop_
_struct_conn.id 
_struct_conn.conn_type_id 
_struct_conn.pdbx_leaving_atom_flag 
_struct_conn.pdbx_PDB_id 
_struct_conn.ptnr1_label_asym_id 
_struct_conn.ptnr1_label_comp_id 
_struct_conn.ptnr1_label_seq_id 
_struct_conn.ptnr1_label_atom_id 
_struct_conn.pdbx_ptnr1_label_alt_id 
_struct_conn.pdbx_ptnr1_PDB_ins_code 
_struct_conn.pdbx_ptnr1_standard_comp_id 
_struct_conn.ptnr1_symmetry 
_struct_conn.ptnr2_label_asym_id 
_struct_conn.ptnr2_label_comp_id 
_struct_conn.ptnr2_label_seq_id 
_struct_conn.ptnr2_label_atom_id 
_struct_conn.pdbx_ptnr2_label_alt_id 
_struct_conn.pdbx_ptnr2_PDB_ins_code 
_struct_conn.ptnr1_auth_asym_id 
_struct_conn.ptnr1_auth_comp_id 
_struct_conn.ptnr1_auth_seq_id 
_struct_conn.ptnr2_auth_asym_id 
_struct_conn.ptnr2_auth_comp_id 
_struct_conn.ptnr2_auth_seq_id 
_struct_conn.ptnr2_symmetry 
_struct_conn.pdbx_ptnr3_label_atom_id 
_struct_conn.pdbx_ptnr3_label_seq_id 
_struct_conn.pdbx_ptnr3_label_comp_id 
_struct_conn.pdbx_ptnr3_label_asym_id 
_struct_conn.pdbx_ptnr3_label_alt_id 
_struct_conn.pdbx_ptnr3_PDB_ins_code 
_struct_conn.details 
_struct_conn.pdbx_dist_value 
_struct_conn.pdbx_value_order 
_struct_conn.pdbx_role 
metalc1 metalc ? ? A CYS 14 SG ? ? ? 1_555 B ZN . ZN ? ? A CYS 6  A ZN 101 1_555 ? ? ? ? ? ? ? 2.362 ? ? 
metalc2 metalc ? ? A CYS 17 SG ? ? ? 1_555 B ZN . ZN ? ? A CYS 9  A ZN 101 1_555 ? ? ? ? ? ? ? 2.293 ? ? 
metalc3 metalc ? ? A CYS 26 SG ? ? ? 1_555 B ZN . ZN ? ? A CYS 18 A ZN 101 1_555 ? ? ? ? ? ? ? 2.367 ? ? 
metalc4 metalc ? ? A CYS 29 SG ? ? ? 1_555 B ZN . ZN ? ? A CYS 21 A ZN 101 1_555 ? ? ? ? ? ? ? 2.281 ? ? 
# 
_struct_conn_type.id          metalc 
_struct_conn_type.criteria    ? 
_struct_conn_type.reference   ? 
# 
loop_
_pdbx_struct_conn_angle.id 
_pdbx_struct_conn_angle.ptnr1_label_atom_id 
_pdbx_struct_conn_angle.ptnr1_label_alt_id 
_pdbx_struct_conn_angle.ptnr1_label_asym_id 
_pdbx_struct_conn_angle.ptnr1_label_comp_id 
_pdbx_struct_conn_angle.ptnr1_label_seq_id 
_pdbx_struct_conn_angle.ptnr1_auth_atom_id 
_pdbx_struct_conn_angle.ptnr1_auth_asym_id 
_pdbx_struct_conn_angle.ptnr1_auth_comp_id 
_pdbx_struct_conn_angle.ptnr1_auth_seq_id 
_pdbx_struct_conn_angle.ptnr1_PDB_ins_code 
_pdbx_struct_conn_angle.ptnr1_symmetry 
_pdbx_struct_conn_angle.ptnr2_label_atom_id 
_pdbx_struct_conn_angle.ptnr2_label_alt_id 
_pdbx_struct_conn_angle.ptnr2_label_asym_id 
_pdbx_struct_conn_angle.ptnr2_label_comp_id 
_pdbx_struct_conn_angle.ptnr2_label_seq_id 
_pdbx_struct_conn_angle.ptnr2_auth_atom_id 
_pdbx_struct_conn_angle.ptnr2_auth_asym_id 
_pdbx_struct_conn_angle.ptnr2_auth_comp_id 
_pdbx_struct_conn_angle.ptnr2_auth_seq_id 
_pdbx_struct_conn_angle.ptnr2_PDB_ins_code 
_pdbx_struct_conn_angle.ptnr2_symmetry 
_pdbx_struct_conn_angle.ptnr3_label_atom_id 
_pdbx_struct_conn_angle.ptnr3_label_alt_id 
_pdbx_struct_conn_angle.ptnr3_label_asym_id 
_pdbx_struct_conn_angle.ptnr3_label_comp_id 
_pdbx_struct_conn_angle.ptnr3_label_seq_id 
_pdbx_struct_conn_angle.ptnr3_auth_atom_id 
_pdbx_struct_conn_angle.ptnr3_auth_asym_id 
_pdbx_struct_conn_angle.ptnr3_auth_comp_id 
_pdbx_struct_conn_angle.ptnr3_auth_seq_id 
_pdbx_struct_conn_angle.ptnr3_PDB_ins_code 
_pdbx_struct_conn_angle.ptnr3_symmetry 
_pdbx_struct_conn_angle.value 
_pdbx_struct_conn_angle.value_esd 
1 SG ? A CYS 14 ? A CYS 6  ? 1_555 ZN ? B ZN . ? A ZN 101 ? 1_555 SG ? A CYS 17 ? A CYS 9  ? 1_555 114.1 ? 
2 SG ? A CYS 14 ? A CYS 6  ? 1_555 ZN ? B ZN . ? A ZN 101 ? 1_555 SG ? A CYS 26 ? A CYS 18 ? 1_555 110.1 ? 
3 SG ? A CYS 17 ? A CYS 9  ? 1_555 ZN ? B ZN . ? A ZN 101 ? 1_555 SG ? A CYS 26 ? A CYS 18 ? 1_555 95.8  ? 
4 SG ? A CYS 14 ? A CYS 6  ? 1_555 ZN ? B ZN . ? A ZN 101 ? 1_555 SG ? A CYS 29 ? A CYS 21 ? 1_555 98.7  ? 
5 SG ? A CYS 17 ? A CYS 9  ? 1_555 ZN ? B ZN . ? A ZN 101 ? 1_555 SG ? A CYS 29 ? A CYS 21 ? 1_555 125.5 ? 
6 SG ? A CYS 26 ? A CYS 18 ? 1_555 ZN ? B ZN . ? A ZN 101 ? 1_555 SG ? A CYS 29 ? A CYS 21 ? 1_555 112.8 ? 
# 
loop_
_struct_sheet.id 
_struct_sheet.type 
_struct_sheet.number_strands 
_struct_sheet.details 
A ? 3 ? 
B ? 2 ? 
# 
loop_
_struct_sheet_order.sheet_id 
_struct_sheet_order.range_id_1 
_struct_sheet_order.range_id_2 
_struct_sheet_order.offset 
_struct_sheet_order.sense 
A 1 2 ? anti-parallel 
A 2 3 ? anti-parallel 
B 1 2 ? anti-parallel 
# 
loop_
_struct_sheet_range.sheet_id 
_struct_sheet_range.id 
_struct_sheet_range.beg_label_comp_id 
_struct_sheet_range.beg_label_asym_id 
_struct_sheet_range.beg_label_seq_id 
_struct_sheet_range.pdbx_beg_PDB_ins_code 
_struct_sheet_range.end_label_comp_id 
_struct_sheet_range.end_label_asym_id 
_struct_sheet_range.end_label_seq_id 
_struct_sheet_range.pdbx_end_PDB_ins_code 
_struct_sheet_range.beg_auth_comp_id 
_struct_sheet_range.beg_auth_asym_id 
_struct_sheet_range.beg_auth_seq_id 
_struct_sheet_range.end_auth_comp_id 
_struct_sheet_range.end_auth_asym_id 
_struct_sheet_range.end_auth_seq_id 
A 1 ILE A 20 ? THR A 21 ? ILE A 12 THR A 13 
A 2 LYS A 12 ? CYS A 14 ? LYS A 4  CYS A 6  
A 3 LEU A 34 ? SER A 35 ? LEU A 26 SER A 27 
B 1 TRP A 38 ? ILE A 44 ? TRP A 30 ILE A 36 
B 2 GLY A 62 ? VAL A 68 ? GLY A 54 VAL A 60 
# 
loop_
_pdbx_struct_sheet_hbond.sheet_id 
_pdbx_struct_sheet_hbond.range_id_1 
_pdbx_struct_sheet_hbond.range_id_2 
_pdbx_struct_sheet_hbond.range_1_label_atom_id 
_pdbx_struct_sheet_hbond.range_1_label_comp_id 
_pdbx_struct_sheet_hbond.range_1_label_asym_id 
_pdbx_struct_sheet_hbond.range_1_label_seq_id 
_pdbx_struct_sheet_hbond.range_1_PDB_ins_code 
_pdbx_struct_sheet_hbond.range_1_auth_atom_id 
_pdbx_struct_sheet_hbond.range_1_auth_comp_id 
_pdbx_struct_sheet_hbond.range_1_auth_asym_id 
_pdbx_struct_sheet_hbond.range_1_auth_seq_id 
_pdbx_struct_sheet_hbond.range_2_label_atom_id 
_pdbx_struct_sheet_hbond.range_2_label_comp_id 
_pdbx_struct_sheet_hbond.range_2_label_asym_id 
_pdbx_struct_sheet_hbond.range_2_label_seq_id 
_pdbx_struct_sheet_hbond.range_2_PDB_ins_code 
_pdbx_struct_sheet_hbond.range_2_auth_atom_id 
_pdbx_struct_sheet_hbond.range_2_auth_comp_id 
_pdbx_struct_sheet_hbond.range_2_auth_asym_id 
_pdbx_struct_sheet_hbond.range_2_auth_seq_id 
A 1 2 O THR A 21 ? O THR A 13 N LYS A 12 ? N LYS A 4  
A 2 3 N ALA A 13 ? N ALA A 5  O SER A 35 ? O SER A 27 
B 1 2 N PHE A 39 ? N PHE A 31 O ARG A 67 ? O ARG A 59 
# 
_struct_site.id                   AC1 
_struct_site.pdbx_evidence_code   Software 
_struct_site.pdbx_auth_asym_id    A 
_struct_site.pdbx_auth_comp_id    ZN 
_struct_site.pdbx_auth_seq_id     101 
_struct_site.pdbx_auth_ins_code   ? 
_struct_site.pdbx_num_residues    4 
_struct_site.details              'BINDING SITE FOR RESIDUE ZN A 101' 
# 
loop_
_struct_site_gen.id 
_struct_site_gen.site_id 
_struct_site_gen.pdbx_num_res 
_struct_site_gen.label_comp_id 
_struct_site_gen.label_asym_id 
_struct_site_gen.label_seq_id 
_struct_site_gen.pdbx_auth_ins_code 
_struct_site_gen.auth_comp_id 
_struct_site_gen.auth_asym_id 
_struct_site_gen.auth_seq_id 
_struct_site_gen.label_atom_id 
_struct_site_gen.label_alt_id 
_struct_site_gen.symmetry 
_struct_site_gen.details 
1 AC1 4 CYS A 14 ? CYS A 6  . ? 1_555 ? 
2 AC1 4 CYS A 17 ? CYS A 9  . ? 1_555 ? 
3 AC1 4 CYS A 26 ? CYS A 18 . ? 1_555 ? 
4 AC1 4 CYS A 29 ? CYS A 21 . ? 1_555 ? 
# 
_pdbx_validate_torsion.id              1 
_pdbx_validate_torsion.PDB_model_num   1 
_pdbx_validate_torsion.auth_comp_id    ASP 
_pdbx_validate_torsion.auth_asym_id    A 
_pdbx_validate_torsion.auth_seq_id     32 
_pdbx_validate_torsion.PDB_ins_code    ? 
_pdbx_validate_torsion.label_alt_id    ? 
_pdbx_validate_torsion.phi             69.77 
_pdbx_validate_torsion.psi             73.40 
# 
_pdbx_SG_project.id                    1 
_pdbx_SG_project.project_name          'PSI, Protein Structure Initiative' 
_pdbx_SG_project.full_name_of_center   'Southeast Collaboratory for Structural Genomics' 
_pdbx_SG_project.initial_of_center     SECSG 
# 
loop_
_pdbx_phasing_MAD_set_site.id 
_pdbx_phasing_MAD_set_site.atom_type_symbol 
_pdbx_phasing_MAD_set_site.occupancy 
_pdbx_phasing_MAD_set_site.fract_x 
_pdbx_phasing_MAD_set_site.fract_y 
_pdbx_phasing_MAD_set_site.fract_z 
_pdbx_phasing_MAD_set_site.b_iso 
1 I 0.880 0.682 0.475 0.140 19.679 
2 I 0.226 0.710 0.170 0.133 27.402 
3 I 0.123 0.788 0.221 0.083 9.760  
# 
loop_
_pdbx_phasing_MAD_shell.d_res_low 
_pdbx_phasing_MAD_shell.d_res_high 
_pdbx_phasing_MAD_shell.reflns 
_pdbx_phasing_MAD_shell.fom 
20.000 8.52 130 0.37 
8.52   5.54 200 0.41 
5.54   4.38 240 0.45 
4.38   3.74 284 0.45 
3.74   3.31 316 0.47 
3.31   3.00 340 0.49 
3.00   2.77 359 0.45 
2.77   2.58 400 0.46 
# 
_pdbx_phasing_dm.entry_id          1RYQ 
_pdbx_phasing_dm.fom_acentric      0.55 
_pdbx_phasing_dm.fom_centric       0.46 
_pdbx_phasing_dm.fom               0.54 
_pdbx_phasing_dm.reflns_acentric   3015 
_pdbx_phasing_dm.reflns_centric    661 
_pdbx_phasing_dm.reflns            3676 
# 
loop_
_pdbx_phasing_dm_shell.d_res_high 
_pdbx_phasing_dm_shell.d_res_low 
_pdbx_phasing_dm_shell.fom_acentric 
_pdbx_phasing_dm_shell.fom_centric 
_pdbx_phasing_dm_shell.fom 
_pdbx_phasing_dm_shell.reflns_acentric 
_pdbx_phasing_dm_shell.reflns_centric 
_pdbx_phasing_dm_shell.reflns 
19.771 6.0 0.87 0.64 0.87 108 77  185  
6.0    3.8 0.88 0.68 0.82 384 134 518  
3.8    3.0 0.82 0.55 0.77 520 118 638  
3.0    2.6 0.70 0.43 0.65 520 103 623  
2.6    2.3 0.37 0.27 0.36 945 149 1094 
2.3    2.1 0.18 0.21 0.19 538 80  618  
# 
_phasing.method   MAD 
# 
_phasing_MAD.entry_id          1RYQ 
_phasing_MAD.pdbx_d_res_high   2.500 
_phasing_MAD.pdbx_d_res_low    20.000 
_phasing_MAD.pdbx_reflns       2269 
_phasing_MAD.pdbx_fom          0.45 
# 
loop_
_pdbx_database_remark.id 
_pdbx_database_remark.text 
6   
;THE PROTEIN WAS CLONED, EXPRESSED AND PURIFIED BY THE SECSG 
PYROCOCCUS PROTEIN PRODUCTION GROUP (M.W.W.ADAMS, P.S.BRERETON,
M.IZUMI, F.E.JENNEY JR., H.-S.LEE, F.L.POOLE II, C.SHAH, F.SUGAR) 
UNDER THE DIRECTION OF M.W.W.ADAMS.
;
300 
;BIOMOLECULE
THIS ENTRY CONTAINS THE CRYSTALLOGRAPHIC ASYMMETRIC UNIT
WHICH CONSISTS OF 1 CHAIN(S). THE BIOLOGICAL UNIT IS
UNKNOWN.
;
999 
;SEQUENCE
Residue identifiers for the HIS tag coordinates are
tentative. Discontinuous electron density at the 
N-terminus of the peptide does not permit a confident 
alignment of the visible histidine residues with the 
clone sequence.
;
# 
loop_
_pdbx_unobs_or_zero_occ_residues.id 
_pdbx_unobs_or_zero_occ_residues.PDB_model_num 
_pdbx_unobs_or_zero_occ_residues.polymer_flag 
_pdbx_unobs_or_zero_occ_residues.occupancy_flag 
_pdbx_unobs_or_zero_occ_residues.auth_asym_id 
_pdbx_unobs_or_zero_occ_residues.auth_comp_id 
_pdbx_unobs_or_zero_occ_residues.auth_seq_id 
_pdbx_unobs_or_zero_occ_residues.PDB_ins_code 
_pdbx_unobs_or_zero_occ_residues.label_asym_id 
_pdbx_unobs_or_zero_occ_residues.label_comp_id 
_pdbx_unobs_or_zero_occ_residues.label_seq_id 
1 1 Y 1 A ALA -7 ? A ALA 1  
2 1 Y 1 A HIS -6 ? A HIS 2  
3 1 Y 1 A GLY 0  ? A GLY 8  
4 1 Y 1 A SER 1  ? A SER 9  
5 1 Y 1 A SER 2  ? A SER 10 
# 
loop_
_chem_comp_atom.comp_id 
_chem_comp_atom.atom_id 
_chem_comp_atom.type_symbol 
_chem_comp_atom.pdbx_aromatic_flag 
_chem_comp_atom.pdbx_stereo_config 
_chem_comp_atom.pdbx_ordinal 
ALA N    N  N N 1   
ALA CA   C  N S 2   
ALA C    C  N N 3   
ALA O    O  N N 4   
ALA CB   C  N N 5   
ALA OXT  O  N N 6   
ALA H    H  N N 7   
ALA H2   H  N N 8   
ALA HA   H  N N 9   
ALA HB1  H  N N 10  
ALA HB2  H  N N 11  
ALA HB3  H  N N 12  
ALA HXT  H  N N 13  
ARG N    N  N N 14  
ARG CA   C  N S 15  
ARG C    C  N N 16  
ARG O    O  N N 17  
ARG CB   C  N N 18  
ARG CG   C  N N 19  
ARG CD   C  N N 20  
ARG NE   N  N N 21  
ARG CZ   C  N N 22  
ARG NH1  N  N N 23  
ARG NH2  N  N N 24  
ARG OXT  O  N N 25  
ARG H    H  N N 26  
ARG H2   H  N N 27  
ARG HA   H  N N 28  
ARG HB2  H  N N 29  
ARG HB3  H  N N 30  
ARG HG2  H  N N 31  
ARG HG3  H  N N 32  
ARG HD2  H  N N 33  
ARG HD3  H  N N 34  
ARG HE   H  N N 35  
ARG HH11 H  N N 36  
ARG HH12 H  N N 37  
ARG HH21 H  N N 38  
ARG HH22 H  N N 39  
ARG HXT  H  N N 40  
ASN N    N  N N 41  
ASN CA   C  N S 42  
ASN C    C  N N 43  
ASN O    O  N N 44  
ASN CB   C  N N 45  
ASN CG   C  N N 46  
ASN OD1  O  N N 47  
ASN ND2  N  N N 48  
ASN OXT  O  N N 49  
ASN H    H  N N 50  
ASN H2   H  N N 51  
ASN HA   H  N N 52  
ASN HB2  H  N N 53  
ASN HB3  H  N N 54  
ASN HD21 H  N N 55  
ASN HD22 H  N N 56  
ASN HXT  H  N N 57  
ASP N    N  N N 58  
ASP CA   C  N S 59  
ASP C    C  N N 60  
ASP O    O  N N 61  
ASP CB   C  N N 62  
ASP CG   C  N N 63  
ASP OD1  O  N N 64  
ASP OD2  O  N N 65  
ASP OXT  O  N N 66  
ASP H    H  N N 67  
ASP H2   H  N N 68  
ASP HA   H  N N 69  
ASP HB2  H  N N 70  
ASP HB3  H  N N 71  
ASP HD2  H  N N 72  
ASP HXT  H  N N 73  
CYS N    N  N N 74  
CYS CA   C  N R 75  
CYS C    C  N N 76  
CYS O    O  N N 77  
CYS CB   C  N N 78  
CYS SG   S  N N 79  
CYS OXT  O  N N 80  
CYS H    H  N N 81  
CYS H2   H  N N 82  
CYS HA   H  N N 83  
CYS HB2  H  N N 84  
CYS HB3  H  N N 85  
CYS HG   H  N N 86  
CYS HXT  H  N N 87  
GLU N    N  N N 88  
GLU CA   C  N S 89  
GLU C    C  N N 90  
GLU O    O  N N 91  
GLU CB   C  N N 92  
GLU CG   C  N N 93  
GLU CD   C  N N 94  
GLU OE1  O  N N 95  
GLU OE2  O  N N 96  
GLU OXT  O  N N 97  
GLU H    H  N N 98  
GLU H2   H  N N 99  
GLU HA   H  N N 100 
GLU HB2  H  N N 101 
GLU HB3  H  N N 102 
GLU HG2  H  N N 103 
GLU HG3  H  N N 104 
GLU HE2  H  N N 105 
GLU HXT  H  N N 106 
GLY N    N  N N 107 
GLY CA   C  N N 108 
GLY C    C  N N 109 
GLY O    O  N N 110 
GLY OXT  O  N N 111 
GLY H    H  N N 112 
GLY H2   H  N N 113 
GLY HA2  H  N N 114 
GLY HA3  H  N N 115 
GLY HXT  H  N N 116 
HIS N    N  N N 117 
HIS CA   C  N S 118 
HIS C    C  N N 119 
HIS O    O  N N 120 
HIS CB   C  N N 121 
HIS CG   C  Y N 122 
HIS ND1  N  Y N 123 
HIS CD2  C  Y N 124 
HIS CE1  C  Y N 125 
HIS NE2  N  Y N 126 
HIS OXT  O  N N 127 
HIS H    H  N N 128 
HIS H2   H  N N 129 
HIS HA   H  N N 130 
HIS HB2  H  N N 131 
HIS HB3  H  N N 132 
HIS HD1  H  N N 133 
HIS HD2  H  N N 134 
HIS HE1  H  N N 135 
HIS HE2  H  N N 136 
HIS HXT  H  N N 137 
HOH O    O  N N 138 
HOH H1   H  N N 139 
HOH H2   H  N N 140 
ILE N    N  N N 141 
ILE CA   C  N S 142 
ILE C    C  N N 143 
ILE O    O  N N 144 
ILE CB   C  N S 145 
ILE CG1  C  N N 146 
ILE CG2  C  N N 147 
ILE CD1  C  N N 148 
ILE OXT  O  N N 149 
ILE H    H  N N 150 
ILE H2   H  N N 151 
ILE HA   H  N N 152 
ILE HB   H  N N 153 
ILE HG12 H  N N 154 
ILE HG13 H  N N 155 
ILE HG21 H  N N 156 
ILE HG22 H  N N 157 
ILE HG23 H  N N 158 
ILE HD11 H  N N 159 
ILE HD12 H  N N 160 
ILE HD13 H  N N 161 
ILE HXT  H  N N 162 
LEU N    N  N N 163 
LEU CA   C  N S 164 
LEU C    C  N N 165 
LEU O    O  N N 166 
LEU CB   C  N N 167 
LEU CG   C  N N 168 
LEU CD1  C  N N 169 
LEU CD2  C  N N 170 
LEU OXT  O  N N 171 
LEU H    H  N N 172 
LEU H2   H  N N 173 
LEU HA   H  N N 174 
LEU HB2  H  N N 175 
LEU HB3  H  N N 176 
LEU HG   H  N N 177 
LEU HD11 H  N N 178 
LEU HD12 H  N N 179 
LEU HD13 H  N N 180 
LEU HD21 H  N N 181 
LEU HD22 H  N N 182 
LEU HD23 H  N N 183 
LEU HXT  H  N N 184 
LYS N    N  N N 185 
LYS CA   C  N S 186 
LYS C    C  N N 187 
LYS O    O  N N 188 
LYS CB   C  N N 189 
LYS CG   C  N N 190 
LYS CD   C  N N 191 
LYS CE   C  N N 192 
LYS NZ   N  N N 193 
LYS OXT  O  N N 194 
LYS H    H  N N 195 
LYS H2   H  N N 196 
LYS HA   H  N N 197 
LYS HB2  H  N N 198 
LYS HB3  H  N N 199 
LYS HG2  H  N N 200 
LYS HG3  H  N N 201 
LYS HD2  H  N N 202 
LYS HD3  H  N N 203 
LYS HE2  H  N N 204 
LYS HE3  H  N N 205 
LYS HZ1  H  N N 206 
LYS HZ2  H  N N 207 
LYS HZ3  H  N N 208 
LYS HXT  H  N N 209 
PHE N    N  N N 210 
PHE CA   C  N S 211 
PHE C    C  N N 212 
PHE O    O  N N 213 
PHE CB   C  N N 214 
PHE CG   C  Y N 215 
PHE CD1  C  Y N 216 
PHE CD2  C  Y N 217 
PHE CE1  C  Y N 218 
PHE CE2  C  Y N 219 
PHE CZ   C  Y N 220 
PHE OXT  O  N N 221 
PHE H    H  N N 222 
PHE H2   H  N N 223 
PHE HA   H  N N 224 
PHE HB2  H  N N 225 
PHE HB3  H  N N 226 
PHE HD1  H  N N 227 
PHE HD2  H  N N 228 
PHE HE1  H  N N 229 
PHE HE2  H  N N 230 
PHE HZ   H  N N 231 
PHE HXT  H  N N 232 
PRO N    N  N N 233 
PRO CA   C  N S 234 
PRO C    C  N N 235 
PRO O    O  N N 236 
PRO CB   C  N N 237 
PRO CG   C  N N 238 
PRO CD   C  N N 239 
PRO OXT  O  N N 240 
PRO H    H  N N 241 
PRO HA   H  N N 242 
PRO HB2  H  N N 243 
PRO HB3  H  N N 244 
PRO HG2  H  N N 245 
PRO HG3  H  N N 246 
PRO HD2  H  N N 247 
PRO HD3  H  N N 248 
PRO HXT  H  N N 249 
SER N    N  N N 250 
SER CA   C  N S 251 
SER C    C  N N 252 
SER O    O  N N 253 
SER CB   C  N N 254 
SER OG   O  N N 255 
SER OXT  O  N N 256 
SER H    H  N N 257 
SER H2   H  N N 258 
SER HA   H  N N 259 
SER HB2  H  N N 260 
SER HB3  H  N N 261 
SER HG   H  N N 262 
SER HXT  H  N N 263 
THR N    N  N N 264 
THR CA   C  N S 265 
THR C    C  N N 266 
THR O    O  N N 267 
THR CB   C  N R 268 
THR OG1  O  N N 269 
THR CG2  C  N N 270 
THR OXT  O  N N 271 
THR H    H  N N 272 
THR H2   H  N N 273 
THR HA   H  N N 274 
THR HB   H  N N 275 
THR HG1  H  N N 276 
THR HG21 H  N N 277 
THR HG22 H  N N 278 
THR HG23 H  N N 279 
THR HXT  H  N N 280 
TRP N    N  N N 281 
TRP CA   C  N S 282 
TRP C    C  N N 283 
TRP O    O  N N 284 
TRP CB   C  N N 285 
TRP CG   C  Y N 286 
TRP CD1  C  Y N 287 
TRP CD2  C  Y N 288 
TRP NE1  N  Y N 289 
TRP CE2  C  Y N 290 
TRP CE3  C  Y N 291 
TRP CZ2  C  Y N 292 
TRP CZ3  C  Y N 293 
TRP CH2  C  Y N 294 
TRP OXT  O  N N 295 
TRP H    H  N N 296 
TRP H2   H  N N 297 
TRP HA   H  N N 298 
TRP HB2  H  N N 299 
TRP HB3  H  N N 300 
TRP HD1  H  N N 301 
TRP HE1  H  N N 302 
TRP HE3  H  N N 303 
TRP HZ2  H  N N 304 
TRP HZ3  H  N N 305 
TRP HH2  H  N N 306 
TRP HXT  H  N N 307 
TYR N    N  N N 308 
TYR CA   C  N S 309 
TYR C    C  N N 310 
TYR O    O  N N 311 
TYR CB   C  N N 312 
TYR CG   C  Y N 313 
TYR CD1  C  Y N 314 
TYR CD2  C  Y N 315 
TYR CE1  C  Y N 316 
TYR CE2  C  Y N 317 
TYR CZ   C  Y N 318 
TYR OH   O  N N 319 
TYR OXT  O  N N 320 
TYR H    H  N N 321 
TYR H2   H  N N 322 
TYR HA   H  N N 323 
TYR HB2  H  N N 324 
TYR HB3  H  N N 325 
TYR HD1  H  N N 326 
TYR HD2  H  N N 327 
TYR HE1  H  N N 328 
TYR HE2  H  N N 329 
TYR HH   H  N N 330 
TYR HXT  H  N N 331 
VAL N    N  N N 332 
VAL CA   C  N S 333 
VAL C    C  N N 334 
VAL O    O  N N 335 
VAL CB   C  N N 336 
VAL CG1  C  N N 337 
VAL CG2  C  N N 338 
VAL OXT  O  N N 339 
VAL H    H  N N 340 
VAL H2   H  N N 341 
VAL HA   H  N N 342 
VAL HB   H  N N 343 
VAL HG11 H  N N 344 
VAL HG12 H  N N 345 
VAL HG13 H  N N 346 
VAL HG21 H  N N 347 
VAL HG22 H  N N 348 
VAL HG23 H  N N 349 
VAL HXT  H  N N 350 
ZN  ZN   ZN N N 351 
# 
loop_
_chem_comp_bond.comp_id 
_chem_comp_bond.atom_id_1 
_chem_comp_bond.atom_id_2 
_chem_comp_bond.value_order 
_chem_comp_bond.pdbx_aromatic_flag 
_chem_comp_bond.pdbx_stereo_config 
_chem_comp_bond.pdbx_ordinal 
ALA N   CA   sing N N 1   
ALA N   H    sing N N 2   
ALA N   H2   sing N N 3   
ALA CA  C    sing N N 4   
ALA CA  CB   sing N N 5   
ALA CA  HA   sing N N 6   
ALA C   O    doub N N 7   
ALA C   OXT  sing N N 8   
ALA CB  HB1  sing N N 9   
ALA CB  HB2  sing N N 10  
ALA CB  HB3  sing N N 11  
ALA OXT HXT  sing N N 12  
ARG N   CA   sing N N 13  
ARG N   H    sing N N 14  
ARG N   H2   sing N N 15  
ARG CA  C    sing N N 16  
ARG CA  CB   sing N N 17  
ARG CA  HA   sing N N 18  
ARG C   O    doub N N 19  
ARG C   OXT  sing N N 20  
ARG CB  CG   sing N N 21  
ARG CB  HB2  sing N N 22  
ARG CB  HB3  sing N N 23  
ARG CG  CD   sing N N 24  
ARG CG  HG2  sing N N 25  
ARG CG  HG3  sing N N 26  
ARG CD  NE   sing N N 27  
ARG CD  HD2  sing N N 28  
ARG CD  HD3  sing N N 29  
ARG NE  CZ   sing N N 30  
ARG NE  HE   sing N N 31  
ARG CZ  NH1  sing N N 32  
ARG CZ  NH2  doub N N 33  
ARG NH1 HH11 sing N N 34  
ARG NH1 HH12 sing N N 35  
ARG NH2 HH21 sing N N 36  
ARG NH2 HH22 sing N N 37  
ARG OXT HXT  sing N N 38  
ASN N   CA   sing N N 39  
ASN N   H    sing N N 40  
ASN N   H2   sing N N 41  
ASN CA  C    sing N N 42  
ASN CA  CB   sing N N 43  
ASN CA  HA   sing N N 44  
ASN C   O    doub N N 45  
ASN C   OXT  sing N N 46  
ASN CB  CG   sing N N 47  
ASN CB  HB2  sing N N 48  
ASN CB  HB3  sing N N 49  
ASN CG  OD1  doub N N 50  
ASN CG  ND2  sing N N 51  
ASN ND2 HD21 sing N N 52  
ASN ND2 HD22 sing N N 53  
ASN OXT HXT  sing N N 54  
ASP N   CA   sing N N 55  
ASP N   H    sing N N 56  
ASP N   H2   sing N N 57  
ASP CA  C    sing N N 58  
ASP CA  CB   sing N N 59  
ASP CA  HA   sing N N 60  
ASP C   O    doub N N 61  
ASP C   OXT  sing N N 62  
ASP CB  CG   sing N N 63  
ASP CB  HB2  sing N N 64  
ASP CB  HB3  sing N N 65  
ASP CG  OD1  doub N N 66  
ASP CG  OD2  sing N N 67  
ASP OD2 HD2  sing N N 68  
ASP OXT HXT  sing N N 69  
CYS N   CA   sing N N 70  
CYS N   H    sing N N 71  
CYS N   H2   sing N N 72  
CYS CA  C    sing N N 73  
CYS CA  CB   sing N N 74  
CYS CA  HA   sing N N 75  
CYS C   O    doub N N 76  
CYS C   OXT  sing N N 77  
CYS CB  SG   sing N N 78  
CYS CB  HB2  sing N N 79  
CYS CB  HB3  sing N N 80  
CYS SG  HG   sing N N 81  
CYS OXT HXT  sing N N 82  
GLU N   CA   sing N N 83  
GLU N   H    sing N N 84  
GLU N   H2   sing N N 85  
GLU CA  C    sing N N 86  
GLU CA  CB   sing N N 87  
GLU CA  HA   sing N N 88  
GLU C   O    doub N N 89  
GLU C   OXT  sing N N 90  
GLU CB  CG   sing N N 91  
GLU CB  HB2  sing N N 92  
GLU CB  HB3  sing N N 93  
GLU CG  CD   sing N N 94  
GLU CG  HG2  sing N N 95  
GLU CG  HG3  sing N N 96  
GLU CD  OE1  doub N N 97  
GLU CD  OE2  sing N N 98  
GLU OE2 HE2  sing N N 99  
GLU OXT HXT  sing N N 100 
GLY N   CA   sing N N 101 
GLY N   H    sing N N 102 
GLY N   H2   sing N N 103 
GLY CA  C    sing N N 104 
GLY CA  HA2  sing N N 105 
GLY CA  HA3  sing N N 106 
GLY C   O    doub N N 107 
GLY C   OXT  sing N N 108 
GLY OXT HXT  sing N N 109 
HIS N   CA   sing N N 110 
HIS N   H    sing N N 111 
HIS N   H2   sing N N 112 
HIS CA  C    sing N N 113 
HIS CA  CB   sing N N 114 
HIS CA  HA   sing N N 115 
HIS C   O    doub N N 116 
HIS C   OXT  sing N N 117 
HIS CB  CG   sing N N 118 
HIS CB  HB2  sing N N 119 
HIS CB  HB3  sing N N 120 
HIS CG  ND1  sing Y N 121 
HIS CG  CD2  doub Y N 122 
HIS ND1 CE1  doub Y N 123 
HIS ND1 HD1  sing N N 124 
HIS CD2 NE2  sing Y N 125 
HIS CD2 HD2  sing N N 126 
HIS CE1 NE2  sing Y N 127 
HIS CE1 HE1  sing N N 128 
HIS NE2 HE2  sing N N 129 
HIS OXT HXT  sing N N 130 
HOH O   H1   sing N N 131 
HOH O   H2   sing N N 132 
ILE N   CA   sing N N 133 
ILE N   H    sing N N 134 
ILE N   H2   sing N N 135 
ILE CA  C    sing N N 136 
ILE CA  CB   sing N N 137 
ILE CA  HA   sing N N 138 
ILE C   O    doub N N 139 
ILE C   OXT  sing N N 140 
ILE CB  CG1  sing N N 141 
ILE CB  CG2  sing N N 142 
ILE CB  HB   sing N N 143 
ILE CG1 CD1  sing N N 144 
ILE CG1 HG12 sing N N 145 
ILE CG1 HG13 sing N N 146 
ILE CG2 HG21 sing N N 147 
ILE CG2 HG22 sing N N 148 
ILE CG2 HG23 sing N N 149 
ILE CD1 HD11 sing N N 150 
ILE CD1 HD12 sing N N 151 
ILE CD1 HD13 sing N N 152 
ILE OXT HXT  sing N N 153 
LEU N   CA   sing N N 154 
LEU N   H    sing N N 155 
LEU N   H2   sing N N 156 
LEU CA  C    sing N N 157 
LEU CA  CB   sing N N 158 
LEU CA  HA   sing N N 159 
LEU C   O    doub N N 160 
LEU C   OXT  sing N N 161 
LEU CB  CG   sing N N 162 
LEU CB  HB2  sing N N 163 
LEU CB  HB3  sing N N 164 
LEU CG  CD1  sing N N 165 
LEU CG  CD2  sing N N 166 
LEU CG  HG   sing N N 167 
LEU CD1 HD11 sing N N 168 
LEU CD1 HD12 sing N N 169 
LEU CD1 HD13 sing N N 170 
LEU CD2 HD21 sing N N 171 
LEU CD2 HD22 sing N N 172 
LEU CD2 HD23 sing N N 173 
LEU OXT HXT  sing N N 174 
LYS N   CA   sing N N 175 
LYS N   H    sing N N 176 
LYS N   H2   sing N N 177 
LYS CA  C    sing N N 178 
LYS CA  CB   sing N N 179 
LYS CA  HA   sing N N 180 
LYS C   O    doub N N 181 
LYS C   OXT  sing N N 182 
LYS CB  CG   sing N N 183 
LYS CB  HB2  sing N N 184 
LYS CB  HB3  sing N N 185 
LYS CG  CD   sing N N 186 
LYS CG  HG2  sing N N 187 
LYS CG  HG3  sing N N 188 
LYS CD  CE   sing N N 189 
LYS CD  HD2  sing N N 190 
LYS CD  HD3  sing N N 191 
LYS CE  NZ   sing N N 192 
LYS CE  HE2  sing N N 193 
LYS CE  HE3  sing N N 194 
LYS NZ  HZ1  sing N N 195 
LYS NZ  HZ2  sing N N 196 
LYS NZ  HZ3  sing N N 197 
LYS OXT HXT  sing N N 198 
PHE N   CA   sing N N 199 
PHE N   H    sing N N 200 
PHE N   H2   sing N N 201 
PHE CA  C    sing N N 202 
PHE CA  CB   sing N N 203 
PHE CA  HA   sing N N 204 
PHE C   O    doub N N 205 
PHE C   OXT  sing N N 206 
PHE CB  CG   sing N N 207 
PHE CB  HB2  sing N N 208 
PHE CB  HB3  sing N N 209 
PHE CG  CD1  doub Y N 210 
PHE CG  CD2  sing Y N 211 
PHE CD1 CE1  sing Y N 212 
PHE CD1 HD1  sing N N 213 
PHE CD2 CE2  doub Y N 214 
PHE CD2 HD2  sing N N 215 
PHE CE1 CZ   doub Y N 216 
PHE CE1 HE1  sing N N 217 
PHE CE2 CZ   sing Y N 218 
PHE CE2 HE2  sing N N 219 
PHE CZ  HZ   sing N N 220 
PHE OXT HXT  sing N N 221 
PRO N   CA   sing N N 222 
PRO N   CD   sing N N 223 
PRO N   H    sing N N 224 
PRO CA  C    sing N N 225 
PRO CA  CB   sing N N 226 
PRO CA  HA   sing N N 227 
PRO C   O    doub N N 228 
PRO C   OXT  sing N N 229 
PRO CB  CG   sing N N 230 
PRO CB  HB2  sing N N 231 
PRO CB  HB3  sing N N 232 
PRO CG  CD   sing N N 233 
PRO CG  HG2  sing N N 234 
PRO CG  HG3  sing N N 235 
PRO CD  HD2  sing N N 236 
PRO CD  HD3  sing N N 237 
PRO OXT HXT  sing N N 238 
SER N   CA   sing N N 239 
SER N   H    sing N N 240 
SER N   H2   sing N N 241 
SER CA  C    sing N N 242 
SER CA  CB   sing N N 243 
SER CA  HA   sing N N 244 
SER C   O    doub N N 245 
SER C   OXT  sing N N 246 
SER CB  OG   sing N N 247 
SER CB  HB2  sing N N 248 
SER CB  HB3  sing N N 249 
SER OG  HG   sing N N 250 
SER OXT HXT  sing N N 251 
THR N   CA   sing N N 252 
THR N   H    sing N N 253 
THR N   H2   sing N N 254 
THR CA  C    sing N N 255 
THR CA  CB   sing N N 256 
THR CA  HA   sing N N 257 
THR C   O    doub N N 258 
THR C   OXT  sing N N 259 
THR CB  OG1  sing N N 260 
THR CB  CG2  sing N N 261 
THR CB  HB   sing N N 262 
THR OG1 HG1  sing N N 263 
THR CG2 HG21 sing N N 264 
THR CG2 HG22 sing N N 265 
THR CG2 HG23 sing N N 266 
THR OXT HXT  sing N N 267 
TRP N   CA   sing N N 268 
TRP N   H    sing N N 269 
TRP N   H2   sing N N 270 
TRP CA  C    sing N N 271 
TRP CA  CB   sing N N 272 
TRP CA  HA   sing N N 273 
TRP C   O    doub N N 274 
TRP C   OXT  sing N N 275 
TRP CB  CG   sing N N 276 
TRP CB  HB2  sing N N 277 
TRP CB  HB3  sing N N 278 
TRP CG  CD1  doub Y N 279 
TRP CG  CD2  sing Y N 280 
TRP CD1 NE1  sing Y N 281 
TRP CD1 HD1  sing N N 282 
TRP CD2 CE2  doub Y N 283 
TRP CD2 CE3  sing Y N 284 
TRP NE1 CE2  sing Y N 285 
TRP NE1 HE1  sing N N 286 
TRP CE2 CZ2  sing Y N 287 
TRP CE3 CZ3  doub Y N 288 
TRP CE3 HE3  sing N N 289 
TRP CZ2 CH2  doub Y N 290 
TRP CZ2 HZ2  sing N N 291 
TRP CZ3 CH2  sing Y N 292 
TRP CZ3 HZ3  sing N N 293 
TRP CH2 HH2  sing N N 294 
TRP OXT HXT  sing N N 295 
TYR N   CA   sing N N 296 
TYR N   H    sing N N 297 
TYR N   H2   sing N N 298 
TYR CA  C    sing N N 299 
TYR CA  CB   sing N N 300 
TYR CA  HA   sing N N 301 
TYR C   O    doub N N 302 
TYR C   OXT  sing N N 303 
TYR CB  CG   sing N N 304 
TYR CB  HB2  sing N N 305 
TYR CB  HB3  sing N N 306 
TYR CG  CD1  doub Y N 307 
TYR CG  CD2  sing Y N 308 
TYR CD1 CE1  sing Y N 309 
TYR CD1 HD1  sing N N 310 
TYR CD2 CE2  doub Y N 311 
TYR CD2 HD2  sing N N 312 
TYR CE1 CZ   doub Y N 313 
TYR CE1 HE1  sing N N 314 
TYR CE2 CZ   sing Y N 315 
TYR CE2 HE2  sing N N 316 
TYR CZ  OH   sing N N 317 
TYR OH  HH   sing N N 318 
TYR OXT HXT  sing N N 319 
VAL N   CA   sing N N 320 
VAL N   H    sing N N 321 
VAL N   H2   sing N N 322 
VAL CA  C    sing N N 323 
VAL CA  CB   sing N N 324 
VAL CA  HA   sing N N 325 
VAL C   O    doub N N 326 
VAL C   OXT  sing N N 327 
VAL CB  CG1  sing N N 328 
VAL CB  CG2  sing N N 329 
VAL CB  HB   sing N N 330 
VAL CG1 HG11 sing N N 331 
VAL CG1 HG12 sing N N 332 
VAL CG1 HG13 sing N N 333 
VAL CG2 HG21 sing N N 334 
VAL CG2 HG22 sing N N 335 
VAL CG2 HG23 sing N N 336 
VAL OXT HXT  sing N N 337 
# 
_atom_sites.entry_id                    1RYQ 
_atom_sites.fract_transf_matrix[1][1]   -0.01936036 
_atom_sites.fract_transf_matrix[1][2]   0.01490248 
_atom_sites.fract_transf_matrix[1][3]   -0.00679737 
_atom_sites.fract_transf_matrix[2][1]   -0.00090699 
_atom_sites.fract_transf_matrix[2][2]   0.02404730 
_atom_sites.fract_transf_matrix[2][3]   0.00799898 
_atom_sites.fract_transf_matrix[3][1]   0.00999892 
_atom_sites.fract_transf_matrix[3][2]   0.00569621 
_atom_sites.fract_transf_matrix[3][3]   -0.01599075 
_atom_sites.fract_transf_vector[1]      0.744027 
_atom_sites.fract_transf_vector[2]      0.234355 
_atom_sites.fract_transf_vector[3]      -0.047017 
# 
loop_
_atom_type.symbol 
C  
N  
O  
S  
ZN 
# 
loop_
_atom_site.group_PDB 
_atom_site.id 
_atom_site.type_symbol 
_atom_site.label_atom_id 
_atom_site.label_alt_id 
_atom_site.label_comp_id 
_atom_site.label_asym_id 
_atom_site.label_entity_id 
_atom_site.label_seq_id 
_atom_site.pdbx_PDB_ins_code 
_atom_site.Cartn_x 
_atom_site.Cartn_y 
_atom_site.Cartn_z 
_atom_site.occupancy 
_atom_site.B_iso_or_equiv 
_atom_site.pdbx_formal_charge 
_atom_site.auth_seq_id 
_atom_site.auth_comp_id 
_atom_site.auth_asym_id 
_atom_site.auth_atom_id 
_atom_site.pdbx_PDB_model_num 
ATOM   1   C  CA  . HIS A 1 3  ? -11.579 -3.561  7.031   1.00 39.03 ? -5  HIS A CA  1 
ATOM   2   C  C   . HIS A 1 3  ? -10.063 -3.463  6.902   1.00 37.23 ? -5  HIS A C   1 
ATOM   3   O  O   . HIS A 1 3  ? -9.540  -2.738  6.036   1.00 39.64 ? -5  HIS A O   1 
ATOM   4   N  N   . HIS A 1 4  ? -9.361  -4.207  7.758   1.00 36.06 ? -4  HIS A N   1 
ATOM   5   C  CA  . HIS A 1 4  ? -7.899  -4.228  7.755   1.00 30.51 ? -4  HIS A CA  1 
ATOM   6   C  C   . HIS A 1 4  ? -7.349  -5.161  6.673   1.00 27.48 ? -4  HIS A C   1 
ATOM   7   O  O   . HIS A 1 4  ? -6.174  -5.142  6.414   1.00 25.75 ? -4  HIS A O   1 
ATOM   8   C  CB  . HIS A 1 4  ? -7.343  -4.600  9.145   1.00 32.85 ? -4  HIS A CB  1 
ATOM   9   C  CG  . HIS A 1 4  ? -8.074  -3.949  10.283  1.00 35.69 ? -4  HIS A CG  1 
ATOM   10  N  ND1 . HIS A 1 4  ? -8.098  -2.582  10.470  1.00 36.15 ? -4  HIS A ND1 1 
ATOM   11  C  CD2 . HIS A 1 4  ? -8.820  -4.479  11.282  1.00 36.29 ? -4  HIS A CD2 1 
ATOM   12  C  CE1 . HIS A 1 4  ? -8.826  -2.299  11.536  1.00 36.73 ? -4  HIS A CE1 1 
ATOM   13  N  NE2 . HIS A 1 4  ? -9.280  -3.432  12.043  1.00 38.04 ? -4  HIS A NE2 1 
ATOM   14  N  N   . HIS A 1 5  ? -8.199  -5.978  6.052   1.00 25.19 ? -3  HIS A N   1 
ATOM   15  C  CA  . HIS A 1 5  ? -7.770  -6.881  4.966   1.00 21.40 ? -3  HIS A CA  1 
ATOM   16  C  C   . HIS A 1 5  ? -8.642  -6.735  3.732   1.00 22.35 ? -3  HIS A C   1 
ATOM   17  O  O   . HIS A 1 5  ? -9.679  -6.081  3.772   1.00 22.94 ? -3  HIS A O   1 
ATOM   18  C  CB  . HIS A 1 5  ? -7.783  -8.337  5.423   1.00 23.39 ? -3  HIS A CB  1 
ATOM   19  C  CG  . HIS A 1 5  ? -7.201  -8.526  6.777   1.00 26.28 ? -3  HIS A CG  1 
ATOM   20  N  ND1 . HIS A 1 5  ? -5.867  -8.303  7.044   1.00 24.65 ? -3  HIS A ND1 1 
ATOM   21  C  CD2 . HIS A 1 5  ? -7.775  -8.853  7.957   1.00 30.28 ? -3  HIS A CD2 1 
ATOM   22  C  CE1 . HIS A 1 5  ? -5.636  -8.520  8.325   1.00 29.65 ? -3  HIS A CE1 1 
ATOM   23  N  NE2 . HIS A 1 5  ? -6.777  -8.862  8.902   1.00 31.77 ? -3  HIS A NE2 1 
ATOM   24  N  N   . HIS A 1 6  ? -8.221  -7.371  2.643   1.00 19.39 ? -2  HIS A N   1 
ATOM   25  C  CA  . HIS A 1 6  ? -8.937  -7.317  1.373   1.00 21.40 ? -2  HIS A CA  1 
ATOM   26  C  C   . HIS A 1 6  ? -10.404 -7.768  1.435   1.00 24.81 ? -2  HIS A C   1 
ATOM   27  O  O   . HIS A 1 6  ? -11.234 -7.244  0.689   1.00 30.15 ? -2  HIS A O   1 
ATOM   28  C  CB  . HIS A 1 6  ? -8.173  -8.117  0.302   1.00 22.50 ? -2  HIS A CB  1 
ATOM   29  C  CG  . HIS A 1 6  ? -8.441  -9.592  0.327   1.00 22.56 ? -2  HIS A CG  1 
ATOM   30  N  ND1 . HIS A 1 6  ? -7.729  -10.470 1.111   1.00 22.98 ? -2  HIS A ND1 1 
ATOM   31  C  CD2 . HIS A 1 6  ? -9.371  -10.333 -0.324  1.00 24.39 ? -2  HIS A CD2 1 
ATOM   32  C  CE1 . HIS A 1 6  ? -8.200  -11.695 0.934   1.00 23.74 ? -2  HIS A CE1 1 
ATOM   33  N  NE2 . HIS A 1 6  ? -9.189  -11.637 0.061   1.00 26.31 ? -2  HIS A NE2 1 
ATOM   34  N  N   . HIS A 1 7  ? -10.710 -8.715  2.327   1.00 25.24 ? -1  HIS A N   1 
ATOM   35  C  CA  . HIS A 1 7  ? -12.060 -9.280  2.426   1.00 29.38 ? -1  HIS A CA  1 
ATOM   36  N  N   . GLU A 1 11 ? -10.584 -1.894  -3.870  1.00 25.74 ? 3   GLU A N   1 
ATOM   37  C  CA  . GLU A 1 11 ? -9.193  -1.630  -3.373  1.00 24.58 ? 3   GLU A CA  1 
ATOM   38  C  C   . GLU A 1 11 ? -8.259  -2.817  -3.606  1.00 22.02 ? 3   GLU A C   1 
ATOM   39  O  O   . GLU A 1 11 ? -8.483  -3.928  -3.102  1.00 21.55 ? 3   GLU A O   1 
ATOM   40  C  CB  . GLU A 1 11 ? -9.199  -1.247  -1.885  1.00 25.38 ? 3   GLU A CB  1 
ATOM   41  C  CG  . GLU A 1 11 ? -9.840  0.111   -1.619  1.00 30.87 ? 3   GLU A CG  1 
ATOM   42  N  N   . LYS A 1 12 ? -7.189  -2.548  -4.353  1.00 18.91 ? 4   LYS A N   1 
ATOM   43  C  CA  . LYS A 1 12 ? -6.188  -3.563  -4.675  1.00 17.46 ? 4   LYS A CA  1 
ATOM   44  C  C   . LYS A 1 12 ? -4.828  -3.052  -4.223  1.00 14.13 ? 4   LYS A C   1 
ATOM   45  O  O   . LYS A 1 12 ? -4.587  -1.835  -4.173  1.00 17.37 ? 4   LYS A O   1 
ATOM   46  C  CB  . LYS A 1 12 ? -6.142  -3.830  -6.174  1.00 18.96 ? 4   LYS A CB  1 
ATOM   47  C  CG  . LYS A 1 12 ? -7.490  -4.273  -6.735  1.00 22.97 ? 4   LYS A CG  1 
ATOM   48  C  CD  . LYS A 1 12 ? -7.414  -4.474  -8.243  1.00 26.93 ? 4   LYS A CD  1 
ATOM   49  C  CE  . LYS A 1 12 ? -8.809  -4.721  -8.823  1.00 30.01 ? 4   LYS A CE  1 
ATOM   50  N  NZ  . LYS A 1 12 ? -9.524  -3.428  -9.046  1.00 35.15 ? 4   LYS A NZ  1 
ATOM   51  N  N   . ALA A 1 13 ? -3.922  -3.980  -3.934  1.00 13.97 ? 5   ALA A N   1 
ATOM   52  C  CA  . ALA A 1 13 ? -2.588  -3.602  -3.458  1.00 13.63 ? 5   ALA A CA  1 
ATOM   53  C  C   . ALA A 1 13 ? -1.554  -3.895  -4.532  1.00 13.25 ? 5   ALA A C   1 
ATOM   54  O  O   . ALA A 1 13 ? -1.595  -4.950  -5.191  1.00 14.02 ? 5   ALA A O   1 
ATOM   55  C  CB  . ALA A 1 13 ? -2.261  -4.379  -2.235  1.00 12.93 ? 5   ALA A CB  1 
ATOM   56  N  N   . CYS A 1 14 ? -0.607  -2.982  -4.678  1.00 11.88 ? 6   CYS A N   1 
ATOM   57  C  CA  . CYS A 1 14 ? 0.464   -3.171  -5.640  1.00 11.72 ? 6   CYS A CA  1 
ATOM   58  C  C   . CYS A 1 14 ? 1.414   -4.297  -5.207  1.00 12.63 ? 6   CYS A C   1 
ATOM   59  O  O   . CYS A 1 14 ? 1.922   -4.285  -4.077  1.00 12.37 ? 6   CYS A O   1 
ATOM   60  C  CB  . CYS A 1 14 ? 1.225   -1.859  -5.774  1.00 10.12 ? 6   CYS A CB  1 
ATOM   61  S  SG  . CYS A 1 14 ? 2.628   -1.985  -6.924  1.00 11.37 ? 6   CYS A SG  1 
ATOM   62  N  N   . ARG A 1 15 ? 1.673   -5.225  -6.116  1.00 11.61 ? 7   ARG A N   1 
ATOM   63  C  CA  . ARG A 1 15 ? 2.583   -6.312  -5.813  1.00 12.53 ? 7   ARG A CA  1 
ATOM   64  C  C   . ARG A 1 15 ? 4.042   -5.886  -5.649  1.00 13.45 ? 7   ARG A C   1 
ATOM   65  O  O   . ARG A 1 15 ? 4.838   -6.650  -5.076  1.00 16.60 ? 7   ARG A O   1 
ATOM   66  C  CB  . ARG A 1 15 ? 2.481   -7.383  -6.892  1.00 14.54 ? 7   ARG A CB  1 
ATOM   67  C  CG  . ARG A 1 15 ? 1.169   -8.164  -6.812  1.00 16.80 ? 7   ARG A CG  1 
ATOM   68  C  CD  . ARG A 1 15 ? 0.933   -9.123  -7.982  1.00 16.68 ? 7   ARG A CD  1 
ATOM   69  N  NE  . ARG A 1 15 ? -0.043  -10.162 -7.602  1.00 17.82 ? 7   ARG A NE  1 
ATOM   70  C  CZ  . ARG A 1 15 ? -1.167  -10.437 -8.249  1.00 22.58 ? 7   ARG A CZ  1 
ATOM   71  N  NH1 . ARG A 1 15 ? -1.502  -9.783  -9.368  1.00 25.66 ? 7   ARG A NH1 1 
ATOM   72  N  NH2 . ARG A 1 15 ? -1.968  -11.390 -7.764  1.00 23.13 ? 7   ARG A NH2 1 
ATOM   73  N  N   . HIS A 1 16 ? 4.409   -4.686  -6.085  1.00 11.79 ? 8   HIS A N   1 
ATOM   74  C  CA  . HIS A 1 16 ? 5.801   -4.242  -6.010  1.00 12.22 ? 8   HIS A CA  1 
ATOM   75  C  C   . HIS A 1 16 ? 6.077   -3.294  -4.854  1.00 14.49 ? 8   HIS A C   1 
ATOM   76  O  O   . HIS A 1 16 ? 7.132   -3.401  -4.221  1.00 18.27 ? 8   HIS A O   1 
ATOM   77  C  CB  . HIS A 1 16 ? 6.215   -3.635  -7.354  1.00 13.91 ? 8   HIS A CB  1 
ATOM   78  C  CG  . HIS A 1 16 ? 5.991   -4.585  -8.478  1.00 12.56 ? 8   HIS A CG  1 
ATOM   79  N  ND1 . HIS A 1 16 ? 6.808   -5.671  -8.712  1.00 14.94 ? 8   HIS A ND1 1 
ATOM   80  C  CD2 . HIS A 1 16 ? 4.974   -4.668  -9.377  1.00 11.74 ? 8   HIS A CD2 1 
ATOM   81  C  CE1 . HIS A 1 16 ? 6.316   -6.366  -9.725  1.00 13.84 ? 8   HIS A CE1 1 
ATOM   82  N  NE2 . HIS A 1 16 ? 5.184   -5.793  -10.130 1.00 13.47 ? 8   HIS A NE2 1 
ATOM   83  N  N   . CYS A 1 17 ? 5.150   -2.389  -4.541  1.00 11.64 ? 9   CYS A N   1 
ATOM   84  C  CA  . CYS A 1 17 ? 5.409   -1.420  -3.468  1.00 13.22 ? 9   CYS A CA  1 
ATOM   85  C  C   . CYS A 1 17 ? 4.328   -1.464  -2.388  1.00 10.80 ? 9   CYS A C   1 
ATOM   86  O  O   . CYS A 1 17 ? 4.462   -0.746  -1.415  1.00 12.72 ? 9   CYS A O   1 
ATOM   87  C  CB  . CYS A 1 17 ? 5.552   0.008   -4.026  1.00 13.62 ? 9   CYS A CB  1 
ATOM   88  S  SG  . CYS A 1 17 ? 3.964   0.764   -4.490  1.00 13.09 ? 9   CYS A SG  1 
ATOM   89  N  N   . HIS A 1 18 ? 3.293   -2.279  -2.572  1.00 10.51 ? 10  HIS A N   1 
ATOM   90  C  CA  . HIS A 1 18 ? 2.252   -2.507  -1.558  1.00 11.72 ? 10  HIS A CA  1 
ATOM   91  C  C   . HIS A 1 18 ? 1.267   -1.378  -1.314  1.00 11.08 ? 10  HIS A C   1 
ATOM   92  O  O   . HIS A 1 18 ? 0.394   -1.505  -0.441  1.00 11.92 ? 10  HIS A O   1 
ATOM   93  C  CB  . HIS A 1 18 ? 2.860   -2.992  -0.221  1.00 12.04 ? 10  HIS A CB  1 
ATOM   94  C  CG  . HIS A 1 18 ? 3.474   -4.357  -0.294  1.00 13.13 ? 10  HIS A CG  1 
ATOM   95  N  ND1 . HIS A 1 18 ? 3.562   -5.170  0.810   1.00 17.01 ? 10  HIS A ND1 1 
ATOM   96  C  CD2 . HIS A 1 18 ? 3.945   -5.091  -1.335  1.00 16.12 ? 10  HIS A CD2 1 
ATOM   97  C  CE1 . HIS A 1 18 ? 4.131   -6.316  0.474   1.00 19.02 ? 10  HIS A CE1 1 
ATOM   98  N  NE2 . HIS A 1 18 ? 4.363   -6.298  -0.821  1.00 19.57 ? 10  HIS A NE2 1 
ATOM   99  N  N   . TYR A 1 19 ? 1.295   -0.333  -2.128  1.00 11.51 ? 11  TYR A N   1 
ATOM   100 C  CA  . TYR A 1 19 ? 0.326   0.745   -1.985  1.00 11.51 ? 11  TYR A CA  1 
ATOM   101 C  C   . TYR A 1 19 ? -1.048  0.232   -2.370  1.00 11.51 ? 11  TYR A C   1 
ATOM   102 O  O   . TYR A 1 19 ? -1.200  -0.589  -3.310  1.00 11.93 ? 11  TYR A O   1 
ATOM   103 C  CB  . TYR A 1 19 ? 0.742   1.862   -2.927  1.00 14.11 ? 11  TYR A CB  1 
ATOM   104 C  CG  . TYR A 1 19 ? -0.062  3.138   -2.849  1.00 13.42 ? 11  TYR A CG  1 
ATOM   105 C  CD1 . TYR A 1 19 ? 0.283   4.132   -1.954  1.00 15.37 ? 11  TYR A CD1 1 
ATOM   106 C  CD2 . TYR A 1 19 ? -1.123  3.346   -3.723  1.00 14.74 ? 11  TYR A CD2 1 
ATOM   107 C  CE1 . TYR A 1 19 ? -0.442  5.351   -1.953  1.00 17.74 ? 11  TYR A CE1 1 
ATOM   108 C  CE2 . TYR A 1 19 ? -1.866  4.535   -3.708  1.00 18.27 ? 11  TYR A CE2 1 
ATOM   109 C  CZ  . TYR A 1 19 ? -1.512  5.495   -2.830  1.00 17.55 ? 11  TYR A CZ  1 
ATOM   110 O  OH  . TYR A 1 19 ? -2.278  6.668   -2.822  1.00 24.23 ? 11  TYR A OH  1 
ATOM   111 N  N   . ILE A 1 20 ? -2.063  0.711   -1.653  1.00 12.30 ? 12  ILE A N   1 
ATOM   112 C  CA  . ILE A 1 20 ? -3.447  0.294   -1.927  1.00 14.25 ? 12  ILE A CA  1 
ATOM   113 C  C   . ILE A 1 20 ? -4.199  1.381   -2.693  1.00 15.42 ? 12  ILE A C   1 
ATOM   114 O  O   . ILE A 1 20 ? -4.179  2.546   -2.278  1.00 17.53 ? 12  ILE A O   1 
ATOM   115 C  CB  . ILE A 1 20 ? -4.173  -0.048  -0.616  1.00 13.66 ? 12  ILE A CB  1 
ATOM   116 C  CG1 . ILE A 1 20 ? -3.574  -1.286  0.063   1.00 15.46 ? 12  ILE A CG1 1 
ATOM   117 C  CG2 . ILE A 1 20 ? -5.664  -0.333  -0.883  1.00 19.06 ? 12  ILE A CG2 1 
ATOM   118 C  CD1 . ILE A 1 20 ? -4.041  -1.468  1.513   1.00 18.30 ? 12  ILE A CD1 1 
ATOM   119 N  N   . THR A 1 21 ? -4.789  0.996   -3.824  1.00 14.83 ? 13  THR A N   1 
ATOM   120 C  CA  . THR A 1 21 ? -5.448  1.944   -4.734  1.00 16.00 ? 13  THR A CA  1 
ATOM   121 C  C   . THR A 1 21 ? -6.696  1.327   -5.342  1.00 16.61 ? 13  THR A C   1 
ATOM   122 O  O   . THR A 1 21 ? -6.808  0.110   -5.456  1.00 17.59 ? 13  THR A O   1 
ATOM   123 C  CB  . THR A 1 21 ? -4.439  2.400   -5.827  1.00 18.34 ? 13  THR A CB  1 
ATOM   124 O  OG1 . THR A 1 21 ? -5.033  3.413   -6.655  1.00 21.07 ? 13  THR A OG1 1 
ATOM   125 C  CG2 . THR A 1 21 ? -4.126  1.298   -6.809  1.00 18.13 ? 13  THR A CG2 1 
ATOM   126 N  N   . SER A 1 22 ? -7.620  2.205   -5.744  1.00 23.09 ? 14  SER A N   1 
ATOM   127 C  CA  . SER A 1 22 ? -8.775  1.801   -6.559  1.00 23.75 ? 14  SER A CA  1 
ATOM   128 C  C   . SER A 1 22 ? -8.553  2.097   -8.053  1.00 26.59 ? 14  SER A C   1 
ATOM   129 O  O   . SER A 1 22 ? -9.408  1.788   -8.876  1.00 28.84 ? 14  SER A O   1 
ATOM   130 C  CB  . SER A 1 22 ? -10.053 2.496   -6.060  1.00 27.54 ? 14  SER A CB  1 
ATOM   131 O  OG  . SER A 1 22 ? -9.917  3.899   -6.150  1.00 35.51 ? 14  SER A OG  1 
ATOM   132 N  N   . GLU A 1 23 ? -7.406  2.693   -8.390  1.00 23.48 ? 15  GLU A N   1 
ATOM   133 C  CA  . GLU A 1 23 ? -7.016  2.987   -9.778  1.00 23.31 ? 15  GLU A CA  1 
ATOM   134 C  C   . GLU A 1 23 ? -6.533  1.753   -10.521 1.00 24.20 ? 15  GLU A C   1 
ATOM   135 O  O   . GLU A 1 23 ? -6.330  0.709   -9.912  1.00 24.48 ? 15  GLU A O   1 
ATOM   136 C  CB  . GLU A 1 23 ? -5.947  4.077   -9.795  1.00 26.87 ? 15  GLU A CB  1 
ATOM   137 C  CG  . GLU A 1 23 ? -6.335  5.310   -8.992  1.00 33.16 ? 15  GLU A CG  1 
ATOM   138 C  CD  . GLU A 1 23 ? -6.046  6.600   -9.723  1.00 40.72 ? 15  GLU A CD  1 
ATOM   139 O  OE1 . GLU A 1 23 ? -5.013  7.243   -9.418  1.00 43.30 ? 15  GLU A OE1 1 
ATOM   140 O  OE2 . GLU A 1 23 ? -6.858  6.969   -10.598 1.00 43.66 ? 15  GLU A OE2 1 
ATOM   141 N  N   . ASP A 1 24 ? -6.372  1.849   -11.846 1.00 23.77 ? 16  ASP A N   1 
ATOM   142 C  CA  . ASP A 1 24 ? -5.993  0.667   -12.618 1.00 26.30 ? 16  ASP A CA  1 
ATOM   143 C  C   . ASP A 1 24 ? -4.488  0.502   -12.665 1.00 23.24 ? 16  ASP A C   1 
ATOM   144 O  O   . ASP A 1 24 ? -3.974  -0.427  -13.281 1.00 25.37 ? 16  ASP A O   1 
ATOM   145 C  CB  . ASP A 1 24 ? -6.561  0.706   -14.046 1.00 29.83 ? 16  ASP A CB  1 
ATOM   146 N  N   . ARG A 1 25 ? -3.775  1.413   -12.012 1.00 19.91 ? 17  ARG A N   1 
ATOM   147 C  CA  . ARG A 1 25 ? -2.324  1.294   -11.880 1.00 20.90 ? 17  ARG A CA  1 
ATOM   148 C  C   . ARG A 1 25 ? -1.889  1.972   -10.598 1.00 18.14 ? 17  ARG A C   1 
ATOM   149 O  O   . ARG A 1 25 ? -2.542  2.883   -10.100 1.00 16.77 ? 17  ARG A O   1 
ATOM   150 C  CB  . ARG A 1 25 ? -1.591  1.796   -13.133 1.00 26.33 ? 17  ARG A CB  1 
ATOM   151 C  CG  . ARG A 1 25 ? -1.222  3.248   -13.187 1.00 31.73 ? 17  ARG A CG  1 
ATOM   152 C  CD  . ARG A 1 25 ? -1.027  3.781   -14.620 1.00 33.84 ? 17  ARG A CD  1 
ATOM   153 N  NE  . ARG A 1 25 ? -0.391  2.807   -15.498 1.00 34.46 ? 17  ARG A NE  1 
ATOM   154 C  CZ  . ARG A 1 25 ? -0.550  2.778   -16.824 1.00 38.38 ? 17  ARG A CZ  1 
ATOM   155 N  NH2 . ARG A 1 25 ? 0.069   1.863   -17.566 1.00 35.40 ? 17  ARG A NH2 1 
ATOM   156 N  N   . CYS A 1 26 ? -0.785  1.505   -10.042 1.00 14.15 ? 18  CYS A N   1 
ATOM   157 C  CA  . CYS A 1 26 ? -0.278  2.044   -8.811  1.00 13.59 ? 18  CYS A CA  1 
ATOM   158 C  C   . CYS A 1 26 ? 0.249   3.466   -9.029  1.00 14.33 ? 18  CYS A C   1 
ATOM   159 O  O   . CYS A 1 26 ? 1.137   3.658   -9.880  1.00 15.01 ? 18  CYS A O   1 
ATOM   160 C  CB  . CYS A 1 26 ? 0.888   1.179   -8.367  1.00 13.55 ? 18  CYS A CB  1 
ATOM   161 S  SG  . CYS A 1 26 ? 1.635   1.762   -6.842  1.00 12.38 ? 18  CYS A SG  1 
ATOM   162 N  N   . PRO A 1 27 ? -0.239  4.458   -8.267  1.00 13.96 ? 19  PRO A N   1 
ATOM   163 C  CA  . PRO A 1 27 ? 0.283   5.825   -8.414  1.00 15.44 ? 19  PRO A CA  1 
ATOM   164 C  C   . PRO A 1 27 ? 1.710   6.007   -7.918  1.00 14.17 ? 19  PRO A C   1 
ATOM   165 O  O   . PRO A 1 27 ? 2.391   6.952   -8.321  1.00 15.65 ? 19  PRO A O   1 
ATOM   166 C  CB  . PRO A 1 27 ? -0.676  6.689   -7.568  1.00 18.83 ? 19  PRO A CB  1 
ATOM   167 C  CG  . PRO A 1 27 ? -1.680  5.809   -7.020  1.00 19.85 ? 19  PRO A CG  1 
ATOM   168 C  CD  . PRO A 1 27 ? -1.374  4.377   -7.330  1.00 14.88 ? 19  PRO A CD  1 
ATOM   169 N  N   . VAL A 1 28 ? 2.168   5.097   -7.054  1.00 12.96 ? 20  VAL A N   1 
ATOM   170 C  CA  . VAL A 1 28 ? 3.495   5.242   -6.467  1.00 14.20 ? 20  VAL A CA  1 
ATOM   171 C  C   . VAL A 1 28 ? 4.602   4.798   -7.434  1.00 12.85 ? 20  VAL A C   1 
ATOM   172 O  O   . VAL A 1 28 ? 5.483   5.602   -7.784  1.00 12.22 ? 20  VAL A O   1 
ATOM   173 C  CB  . VAL A 1 28 ? 3.593   4.498   -5.117  1.00 13.17 ? 20  VAL A CB  1 
ATOM   174 C  CG1 . VAL A 1 28 ? 5.001   4.565   -4.566  1.00 16.22 ? 20  VAL A CG1 1 
ATOM   175 C  CG2 . VAL A 1 28 ? 2.612   5.117   -4.112  1.00 15.05 ? 20  VAL A CG2 1 
ATOM   176 N  N   . CYS A 1 29 ? 4.531   3.560   -7.903  1.00 12.46 ? 21  CYS A N   1 
ATOM   177 C  CA  . CYS A 1 29 ? 5.590   3.012   -8.764  1.00 10.95 ? 21  CYS A CA  1 
ATOM   178 C  C   . CYS A 1 29 ? 5.159   2.901   -10.208 1.00 11.96 ? 21  CYS A C   1 
ATOM   179 O  O   . CYS A 1 29 ? 5.984   2.594   -11.075 1.00 12.12 ? 21  CYS A O   1 
ATOM   180 C  CB  . CYS A 1 29 ? 6.051   1.651   -8.220  1.00 11.49 ? 21  CYS A CB  1 
ATOM   181 S  SG  . CYS A 1 29 ? 4.846   0.299   -8.432  1.00 11.50 ? 21  CYS A SG  1 
ATOM   182 N  N   . GLY A 1 30 ? 3.868   3.088   -10.504 1.00 12.17 ? 22  GLY A N   1 
ATOM   183 C  CA  . GLY A 1 30 ? 3.363   2.961   -11.875 1.00 12.07 ? 22  GLY A CA  1 
ATOM   184 C  C   . GLY A 1 30 ? 2.932   1.562   -12.303 1.00 13.23 ? 22  GLY A C   1 
ATOM   185 O  O   . GLY A 1 30 ? 2.420   1.415   -13.395 1.00 14.27 ? 22  GLY A O   1 
ATOM   186 N  N   . SER A 1 31 ? 3.123   0.527   -11.477 1.00 11.51 ? 23  SER A N   1 
ATOM   187 C  CA  . SER A 1 31 ? 2.826   -0.824  -11.923 1.00 11.96 ? 23  SER A CA  1 
ATOM   188 C  C   . SER A 1 31 ? 1.332   -1.087  -12.140 1.00 12.68 ? 23  SER A C   1 
ATOM   189 O  O   . SER A 1 31 ? 0.469   -0.559  -11.401 1.00 14.11 ? 23  SER A O   1 
ATOM   190 C  CB  . SER A 1 31 ? 3.348   -1.853  -10.914 1.00 12.82 ? 23  SER A CB  1 
ATOM   191 O  OG  . SER A 1 31 ? 3.037   -3.171  -11.290 1.00 12.33 ? 23  SER A OG  1 
ATOM   192 N  N   . ARG A 1 32 ? 1.049   -1.980  -13.076 1.00 13.31 ? 24  ARG A N   1 
ATOM   193 C  CA  . ARG A 1 32 ? -0.302  -2.488  -13.268 1.00 13.89 ? 24  ARG A CA  1 
ATOM   194 C  C   . ARG A 1 32 ? -0.550  -3.760  -12.465 1.00 13.92 ? 24  ARG A C   1 
ATOM   195 O  O   . ARG A 1 32 ? -1.655  -4.316  -12.475 1.00 14.78 ? 24  ARG A O   1 
ATOM   196 C  CB  . ARG A 1 32 ? -0.485  -2.836  -14.736 1.00 15.62 ? 24  ARG A CB  1 
ATOM   197 C  CG  . ARG A 1 32 ? -0.374  -1.666  -15.693 1.00 18.71 ? 24  ARG A CG  1 
ATOM   198 C  CD  . ARG A 1 32 ? -0.607  -2.125  -17.124 1.00 22.62 ? 24  ARG A CD  1 
ATOM   199 N  NE  . ARG A 1 32 ? -0.211  -1.171  -18.157 1.00 34.58 ? 24  ARG A NE  1 
ATOM   200 C  CZ  . ARG A 1 32 ? -0.735  -1.135  -19.387 1.00 41.05 ? 24  ARG A CZ  1 
ATOM   201 N  NH1 . ARG A 1 32 ? -1.671  -2.008  -19.742 1.00 43.63 ? 24  ARG A NH1 1 
ATOM   202 N  NH2 . ARG A 1 32 ? -0.315  -0.229  -20.266 1.00 41.71 ? 24  ARG A NH2 1 
ATOM   203 N  N   . ASP A 1 33 ? 0.434   -4.223  -11.700 1.00 12.45 ? 25  ASP A N   1 
ATOM   204 C  CA  . ASP A 1 33 ? 0.303   -5.472  -10.969 1.00 13.32 ? 25  ASP A CA  1 
ATOM   205 C  C   . ASP A 1 33 ? -0.401  -5.301  -9.616  1.00 13.96 ? 25  ASP A C   1 
ATOM   206 O  O   . ASP A 1 33 ? 0.211   -5.403  -8.529  1.00 14.88 ? 25  ASP A O   1 
ATOM   207 C  CB  . ASP A 1 33 ? 1.672   -6.125  -10.763 1.00 13.66 ? 25  ASP A CB  1 
ATOM   208 C  CG  . ASP A 1 33 ? 2.262   -6.678  -12.036 1.00 12.20 ? 25  ASP A CG  1 
ATOM   209 O  OD1 . ASP A 1 33 ? 1.478   -7.210  -12.859 1.00 13.75 ? 25  ASP A OD1 1 
ATOM   210 O  OD2 . ASP A 1 33 ? 3.477   -6.678  -12.226 1.00 12.53 ? 25  ASP A OD2 1 
ATOM   211 N  N   . LEU A 1 34 ? -1.708  -5.058  -9.709  1.00 14.29 ? 26  LEU A N   1 
ATOM   212 C  CA  . LEU A 1 34 ? -2.546  -4.813  -8.535  1.00 15.42 ? 26  LEU A CA  1 
ATOM   213 C  C   . LEU A 1 34 ? -3.251  -6.096  -8.161  1.00 17.54 ? 26  LEU A C   1 
ATOM   214 O  O   . LEU A 1 34 ? -3.888  -6.726  -9.014  1.00 18.95 ? 26  LEU A O   1 
ATOM   215 C  CB  . LEU A 1 34 ? -3.544  -3.711  -8.840  1.00 15.47 ? 26  LEU A CB  1 
ATOM   216 C  CG  . LEU A 1 34 ? -2.951  -2.382  -9.308  1.00 16.11 ? 26  LEU A CG  1 
ATOM   217 C  CD1 . LEU A 1 34 ? -4.039  -1.367  -9.608  1.00 20.01 ? 26  LEU A CD1 1 
ATOM   218 C  CD2 . LEU A 1 34 ? -2.011  -1.805  -8.230  1.00 17.13 ? 26  LEU A CD2 1 
ATOM   219 N  N   . SER A 1 35 ? -3.130  -6.486  -6.896  1.00 17.07 ? 27  SER A N   1 
ATOM   220 C  CA  . SER A 1 35 ? -3.737  -7.714  -6.401  1.00 17.10 ? 27  SER A CA  1 
ATOM   221 C  C   . SER A 1 35 ? -4.987  -7.451  -5.561  1.00 18.51 ? 27  SER A C   1 
ATOM   222 O  O   . SER A 1 35 ? -5.012  -6.577  -4.679  1.00 16.93 ? 27  SER A O   1 
ATOM   223 C  CB  . SER A 1 35 ? -2.721  -8.498  -5.577  1.00 20.07 ? 27  SER A CB  1 
ATOM   224 O  OG  . SER A 1 35 ? -3.320  -9.695  -5.072  1.00 20.63 ? 27  SER A OG  1 
ATOM   225 N  N   . GLU A 1 36 ? -6.019  -8.250  -5.815  1.00 21.72 ? 28  GLU A N   1 
ATOM   226 C  CA  . GLU A 1 36 ? -7.208  -8.261  -4.974  1.00 22.39 ? 28  GLU A CA  1 
ATOM   227 C  C   . GLU A 1 36 ? -6.987  -8.939  -3.629  1.00 21.29 ? 28  GLU A C   1 
ATOM   228 O  O   . GLU A 1 36 ? -7.787  -8.758  -2.726  1.00 26.12 ? 28  GLU A O   1 
ATOM   229 C  CB  . GLU A 1 36 ? -8.382  -8.931  -5.702  1.00 24.94 ? 28  GLU A CB  1 
ATOM   230 C  CG  . GLU A 1 36 ? -8.930  -8.102  -6.853  1.00 31.30 ? 28  GLU A CG  1 
ATOM   231 C  CD  . GLU A 1 36 ? -9.993  -8.838  -7.639  1.00 36.88 ? 28  GLU A CD  1 
ATOM   232 O  OE1 . GLU A 1 36 ? -11.090 -9.039  -7.087  1.00 41.13 ? 28  GLU A OE1 1 
ATOM   233 O  OE2 . GLU A 1 36 ? -9.722  -9.227  -8.799  1.00 39.72 ? 28  GLU A OE2 1 
ATOM   234 N  N   . GLU A 1 37 ? -5.906  -9.702  -3.487  1.00 17.65 ? 29  GLU A N   1 
ATOM   235 C  CA  . GLU A 1 37 ? -5.599  -10.444 -2.271  1.00 20.00 ? 29  GLU A CA  1 
ATOM   236 C  C   . GLU A 1 37 ? -4.447  -9.818  -1.459  1.00 16.74 ? 29  GLU A C   1 
ATOM   237 O  O   . GLU A 1 37 ? -3.270  -9.940  -1.809  1.00 20.35 ? 29  GLU A O   1 
ATOM   238 C  CB  . GLU A 1 37 ? -5.278  -11.885 -2.638  1.00 26.22 ? 29  GLU A CB  1 
ATOM   239 C  CG  . GLU A 1 37 ? -5.425  -12.880 -1.499  1.00 30.96 ? 29  GLU A CG  1 
ATOM   240 C  CD  . GLU A 1 37 ? -5.193  -14.314 -1.938  1.00 35.39 ? 29  GLU A CD  1 
ATOM   241 O  OE1 . GLU A 1 37 ? -5.060  -14.564 -3.154  1.00 37.00 ? 29  GLU A OE1 1 
ATOM   242 O  OE2 . GLU A 1 37 ? -5.135  -15.196 -1.055  1.00 39.53 ? 29  GLU A OE2 1 
ATOM   243 N  N   . TRP A 1 38 ? -4.793  -9.147  -0.373  1.00 17.68 ? 30  TRP A N   1 
ATOM   244 C  CA  . TRP A 1 38 ? -3.818  -8.457  0.466   1.00 15.01 ? 30  TRP A CA  1 
ATOM   245 C  C   . TRP A 1 38 ? -4.332  -8.396  1.896   1.00 13.61 ? 30  TRP A C   1 
ATOM   246 O  O   . TRP A 1 38 ? -5.530  -8.550  2.134   1.00 17.41 ? 30  TRP A O   1 
ATOM   247 C  CB  . TRP A 1 38 ? -3.529  -7.039  -0.085  1.00 15.24 ? 30  TRP A CB  1 
ATOM   248 C  CG  . TRP A 1 38 ? -4.763  -6.162  -0.198  1.00 15.49 ? 30  TRP A CG  1 
ATOM   249 C  CD1 . TRP A 1 38 ? -5.526  -5.944  -1.319  1.00 16.10 ? 30  TRP A CD1 1 
ATOM   250 C  CD2 . TRP A 1 38 ? -5.375  -5.405  0.846   1.00 14.99 ? 30  TRP A CD2 1 
ATOM   251 N  NE1 . TRP A 1 38 ? -6.573  -5.100  -1.035  1.00 16.82 ? 30  TRP A NE1 1 
ATOM   252 C  CE2 . TRP A 1 38 ? -6.494  -4.745  0.288   1.00 16.09 ? 30  TRP A CE2 1 
ATOM   253 C  CE3 . TRP A 1 38 ? -5.078  -5.197  2.201   1.00 15.10 ? 30  TRP A CE3 1 
ATOM   254 C  CZ2 . TRP A 1 38 ? -7.334  -3.904  1.055   1.00 16.13 ? 30  TRP A CZ2 1 
ATOM   255 C  CZ3 . TRP A 1 38 ? -5.925  -4.367  2.971   1.00 15.98 ? 30  TRP A CZ3 1 
ATOM   256 C  CH2 . TRP A 1 38 ? -7.030  -3.726  2.383   1.00 17.00 ? 30  TRP A CH2 1 
ATOM   257 N  N   . PHE A 1 39 ? -3.421  -8.168  2.833   1.00 15.41 ? 31  PHE A N   1 
ATOM   258 C  CA  . PHE A 1 39 ? -3.723  -8.186  4.272   1.00 14.90 ? 31  PHE A CA  1 
ATOM   259 C  C   . PHE A 1 39 ? -2.958  -7.118  5.011   1.00 16.74 ? 31  PHE A C   1 
ATOM   260 O  O   . PHE A 1 39 ? -1.836  -6.732  4.636   1.00 16.34 ? 31  PHE A O   1 
ATOM   261 C  CB  . PHE A 1 39 ? -3.356  -9.557  4.885   1.00 19.62 ? 31  PHE A CB  1 
ATOM   262 C  CG  . PHE A 1 39 ? -3.955  -10.713 4.162   1.00 21.84 ? 31  PHE A CG  1 
ATOM   263 C  CD1 . PHE A 1 39 ? -5.192  -11.215 4.545   1.00 23.17 ? 31  PHE A CD1 1 
ATOM   264 C  CD2 . PHE A 1 39 ? -3.303  -11.274 3.060   1.00 23.90 ? 31  PHE A CD2 1 
ATOM   265 C  CE1 . PHE A 1 39 ? -5.765  -12.277 3.850   1.00 27.83 ? 31  PHE A CE1 1 
ATOM   266 C  CE2 . PHE A 1 39 ? -3.867  -12.341 2.366   1.00 27.30 ? 31  PHE A CE2 1 
ATOM   267 C  CZ  . PHE A 1 39 ? -5.100  -12.833 2.759   1.00 26.07 ? 31  PHE A CZ  1 
ATOM   268 N  N   . ASP A 1 40 ? -3.570  -6.690  6.116   1.00 16.00 ? 32  ASP A N   1 
ATOM   269 C  CA  . ASP A 1 40 ? -2.958  -5.819  7.120   1.00 16.75 ? 32  ASP A CA  1 
ATOM   270 C  C   . ASP A 1 40 ? -2.746  -4.388  6.584   1.00 15.71 ? 32  ASP A C   1 
ATOM   271 O  O   . ASP A 1 40 ? -1.614  -3.984  6.308   1.00 16.80 ? 32  ASP A O   1 
ATOM   272 C  CB  . ASP A 1 40 ? -1.660  -6.398  7.682   1.00 19.00 ? 32  ASP A CB  1 
ATOM   273 C  CG  . ASP A 1 40 ? -1.840  -7.771  8.291   1.00 21.88 ? 32  ASP A CG  1 
ATOM   274 O  OD1 . ASP A 1 40 ? -2.655  -7.911  9.216   1.00 23.27 ? 32  ASP A OD1 1 
ATOM   275 O  OD2 . ASP A 1 40 ? -1.204  -8.774  7.887   1.00 27.51 ? 32  ASP A OD2 1 
ATOM   276 N  N   . LEU A 1 41 ? -3.833  -3.654  6.462   1.00 15.77 ? 33  LEU A N   1 
ATOM   277 C  CA  . LEU A 1 41 ? -3.796  -2.248  6.048   1.00 15.73 ? 33  LEU A CA  1 
ATOM   278 C  C   . LEU A 1 41 ? -3.110  -1.377  7.099   1.00 15.25 ? 33  LEU A C   1 
ATOM   279 O  O   . LEU A 1 41 ? -3.350  -1.520  8.319   1.00 17.62 ? 33  LEU A O   1 
ATOM   280 C  CB  . LEU A 1 41 ? -5.215  -1.730  5.828   1.00 19.08 ? 33  LEU A CB  1 
ATOM   281 C  CG  . LEU A 1 41 ? -5.318  -0.321  5.243   0.65 17.51 ? 33  LEU A CG  1 
ATOM   282 C  CD1 . LEU A 1 41 ? -6.444  -0.224  4.232   0.65 22.94 ? 33  LEU A CD1 1 
ATOM   283 C  CD2 . LEU A 1 41 ? -5.480  0.682   6.364   0.65 19.31 ? 33  LEU A CD2 1 
ATOM   284 N  N   . VAL A 1 42 ? -2.239  -0.478  6.648   1.00 13.97 ? 34  VAL A N   1 
ATOM   285 C  CA  . VAL A 1 42 ? -1.691  0.586   7.501   1.00 13.54 ? 34  VAL A CA  1 
ATOM   286 C  C   . VAL A 1 42 ? -1.847  1.925   6.776   1.00 14.35 ? 34  VAL A C   1 
ATOM   287 O  O   . VAL A 1 42 ? -1.945  1.964   5.535   1.00 15.08 ? 34  VAL A O   1 
ATOM   288 C  CB  . VAL A 1 42 ? -0.224  0.327   7.888   1.00 14.15 ? 34  VAL A CB  1 
ATOM   289 C  CG1 . VAL A 1 42 ? -0.073  -1.015  8.624   1.00 16.53 ? 34  VAL A CG1 1 
ATOM   290 C  CG2 . VAL A 1 42 ? 0.677   0.355   6.672   1.00 15.99 ? 34  VAL A CG2 1 
ATOM   291 N  N   . ILE A 1 43 ? -1.955  3.004   7.537   1.00 14.43 ? 35  ILE A N   1 
ATOM   292 C  CA  . ILE A 1 43 ? -2.139  4.322   6.952   1.00 15.78 ? 35  ILE A CA  1 
ATOM   293 C  C   . ILE A 1 43 ? -0.968  5.202   7.322   1.00 14.74 ? 35  ILE A C   1 
ATOM   294 O  O   . ILE A 1 43 ? -0.500  5.213   8.470   1.00 15.30 ? 35  ILE A O   1 
ATOM   295 C  CB  . ILE A 1 43 ? -3.498  4.985   7.374   0.65 15.74 ? 35  ILE A CB  1 
ATOM   296 C  CG1 A ILE A 1 43 ? -3.628  6.389   6.771   0.65 21.34 ? 35  ILE A CG1 1 
ATOM   297 C  CG1 B ILE A 1 43 ? -4.658  3.998   7.238   0.35 15.55 ? 35  ILE A CG1 1 
ATOM   298 C  CG2 A ILE A 1 43 ? -3.641  5.087   8.874   0.65 21.59 ? 35  ILE A CG2 1 
ATOM   299 C  CG2 B ILE A 1 43 ? -3.763  6.247   6.563   0.35 18.64 ? 35  ILE A CG2 1 
ATOM   300 C  CD1 A ILE A 1 43 ? -4.999  7.060   6.947   0.65 22.88 ? 35  ILE A CD1 1 
ATOM   301 C  CD1 B ILE A 1 43 ? -5.589  3.984   8.409   0.35 20.61 ? 35  ILE A CD1 1 
ATOM   302 N  N   . ILE A 1 44 ? -0.443  5.899   6.321   1.00 13.44 ? 36  ILE A N   1 
ATOM   303 C  CA  . ILE A 1 44 ? 0.596   6.896   6.513   1.00 12.50 ? 36  ILE A CA  1 
ATOM   304 C  C   . ILE A 1 44 ? 0.060   8.232   6.034   1.00 13.52 ? 36  ILE A C   1 
ATOM   305 O  O   . ILE A 1 44 ? -0.365  8.364   4.886   1.00 14.08 ? 36  ILE A O   1 
ATOM   306 C  CB  . ILE A 1 44 ? 1.851   6.509   5.734   1.00 13.36 ? 36  ILE A CB  1 
ATOM   307 C  CG1 . ILE A 1 44 ? 2.420   5.182   6.251   1.00 14.66 ? 36  ILE A CG1 1 
ATOM   308 C  CG2 . ILE A 1 44 ? 2.864   7.653   5.747   1.00 13.48 ? 36  ILE A CG2 1 
ATOM   309 C  CD1 . ILE A 1 44 ? 3.245   4.435   5.241   1.00 16.87 ? 36  ILE A CD1 1 
ATOM   310 N  N   . VAL A 1 45 ? 0.052   9.228   6.914   1.00 12.93 ? 37  VAL A N   1 
ATOM   311 C  CA  . VAL A 1 45 ? -0.414  10.560  6.547   1.00 13.01 ? 37  VAL A CA  1 
ATOM   312 C  C   . VAL A 1 45 ? 0.768   11.467  6.226   1.00 12.53 ? 37  VAL A C   1 
ATOM   313 O  O   . VAL A 1 45 ? 0.734   12.170  5.183   1.00 13.53 ? 37  VAL A O   1 
ATOM   314 C  CB  . VAL A 1 45 ? -1.300  11.150  7.652   1.00 13.79 ? 37  VAL A CB  1 
ATOM   315 C  CG1 . VAL A 1 45 ? -1.634  12.619  7.335   1.00 13.72 ? 37  VAL A CG1 1 
ATOM   316 C  CG2 . VAL A 1 45 ? -2.561  10.294  7.829   1.00 12.90 ? 37  VAL A CG2 1 
ATOM   317 N  N   . ASP A 1 46 ? 1.795   11.491  7.060   1.00 13.08 ? 38  ASP A N   1 
ATOM   318 C  CA  . ASP A 1 46 ? 2.986   12.313  6.818   1.00 13.53 ? 38  ASP A CA  1 
ATOM   319 C  C   . ASP A 1 46 ? 4.178   11.369  6.907   1.00 15.81 ? 38  ASP A C   1 
ATOM   320 O  O   . ASP A 1 46 ? 4.520   10.926  7.988   1.00 16.78 ? 38  ASP A O   1 
ATOM   321 C  CB  . ASP A 1 46 ? 3.059   13.416  7.880   1.00 15.25 ? 38  ASP A CB  1 
ATOM   322 C  CG  . ASP A 1 46 ? 4.264   14.324  7.739   1.00 20.12 ? 38  ASP A CG  1 
ATOM   323 O  OD1 . ASP A 1 46 ? 5.142   14.079  6.888   1.00 26.46 ? 38  ASP A OD1 1 
ATOM   324 O  OD2 . ASP A 1 46 ? 4.388   15.310  8.481   1.00 22.64 ? 38  ASP A OD2 1 
ATOM   325 N  N   . VAL A 1 47 ? 4.794   11.053  5.772   1.00 19.61 ? 39  VAL A N   1 
ATOM   326 C  CA  . VAL A 1 47 ? 5.917   10.113  5.747   1.00 20.19 ? 39  VAL A CA  1 
ATOM   327 C  C   . VAL A 1 47 ? 7.053   10.433  6.703   1.00 22.01 ? 39  VAL A C   1 
ATOM   328 O  O   . VAL A 1 47 ? 7.555   9.553   7.407   1.00 24.88 ? 39  VAL A O   1 
ATOM   329 C  CB  . VAL A 1 47 ? 6.469   9.997   4.325   1.00 23.46 ? 39  VAL A CB  1 
ATOM   330 C  CG1 . VAL A 1 47 ? 7.777   9.192   4.296   1.00 25.15 ? 39  VAL A CG1 1 
ATOM   331 C  CG2 . VAL A 1 47 ? 5.441   9.345   3.476   1.00 20.31 ? 39  VAL A CG2 1 
ATOM   332 N  N   . GLU A 1 48 ? 7.443   11.704  6.740   1.00 24.05 ? 40  GLU A N   1 
ATOM   333 C  CA  . GLU A 1 48 ? 8.574   12.134  7.561   1.00 26.26 ? 40  GLU A CA  1 
ATOM   334 C  C   . GLU A 1 48 ? 8.364   11.979  9.060   1.00 25.66 ? 40  GLU A C   1 
ATOM   335 O  O   . GLU A 1 48 ? 9.316   11.962  9.835   1.00 27.99 ? 40  GLU A O   1 
ATOM   336 C  CB  . GLU A 1 48 ? 8.954   13.584  7.238   1.00 28.99 ? 40  GLU A CB  1 
ATOM   337 C  CG  . GLU A 1 48 ? 9.239   13.825  5.762   1.00 33.51 ? 40  GLU A CG  1 
ATOM   338 N  N   . ASN A 1 49 ? 7.104   11.855  9.465   1.00 21.23 ? 41  ASN A N   1 
ATOM   339 C  CA  . ASN A 1 49 ? 6.760   11.796  10.869  1.00 20.55 ? 41  ASN A CA  1 
ATOM   340 C  C   . ASN A 1 49 ? 5.988   10.519  11.228  1.00 16.74 ? 41  ASN A C   1 
ATOM   341 O  O   . ASN A 1 49 ? 5.233   10.487  12.193  1.00 18.57 ? 41  ASN A O   1 
ATOM   342 C  CB  . ASN A 1 49 ? 5.979   13.047  11.265  1.00 20.83 ? 41  ASN A CB  1 
ATOM   343 C  CG  . ASN A 1 49 ? 6.848   14.298  11.268  1.00 23.42 ? 41  ASN A CG  1 
ATOM   344 O  OD1 . ASN A 1 49 ? 7.727   14.444  12.119  1.00 31.54 ? 41  ASN A OD1 1 
ATOM   345 N  ND2 . ASN A 1 49 ? 6.608   15.194  10.317  1.00 25.04 ? 41  ASN A ND2 1 
ATOM   346 N  N   . SER A 1 50 ? 6.248   9.452   10.474  1.00 16.49 ? 42  SER A N   1 
ATOM   347 C  CA  . SER A 1 50 ? 5.507   8.188   10.623  1.00 14.27 ? 42  SER A CA  1 
ATOM   348 C  C   . SER A 1 50 ? 6.405   6.996   10.908  1.00 15.79 ? 42  SER A C   1 
ATOM   349 O  O   . SER A 1 50 ? 7.236   6.622   10.070  1.00 16.33 ? 42  SER A O   1 
ATOM   350 C  CB  A SER A 1 50 ? 4.741   7.918   9.328   0.80 15.11 ? 42  SER A CB  1 
ATOM   351 C  CB  B SER A 1 50 ? 4.607   7.914   9.416   0.20 17.25 ? 42  SER A CB  1 
ATOM   352 O  OG  A SER A 1 50 ? 4.145   6.636   9.341   0.80 11.52 ? 42  SER A OG  1 
ATOM   353 O  OG  B SER A 1 50 ? 5.236   8.301   8.217   0.20 19.83 ? 42  SER A OG  1 
ATOM   354 N  N   . GLU A 1 51 ? 6.193   6.373   12.069  1.00 14.52 ? 43  GLU A N   1 
ATOM   355 C  CA  . GLU A 1 51 ? 6.913   5.153   12.433  1.00 15.56 ? 43  GLU A CA  1 
ATOM   356 C  C   . GLU A 1 51 ? 6.539   4.006   11.529  1.00 16.12 ? 43  GLU A C   1 
ATOM   357 O  O   . GLU A 1 51 ? 7.391   3.206   11.138  1.00 14.99 ? 43  GLU A O   1 
ATOM   358 C  CB  . GLU A 1 51 ? 6.672   4.783   13.914  1.00 17.60 ? 43  GLU A CB  1 
ATOM   359 C  CG  . GLU A 1 51 ? 7.325   3.496   14.414  1.00 22.34 ? 43  GLU A CG  1 
ATOM   360 C  CD  . GLU A 1 51 ? 8.849   3.529   14.410  1.00 25.48 ? 43  GLU A CD  1 
ATOM   361 O  OE1 . GLU A 1 51 ? 9.440   4.600   14.630  1.00 27.35 ? 43  GLU A OE1 1 
ATOM   362 O  OE2 . GLU A 1 51 ? 9.479   2.462   14.212  1.00 31.66 ? 43  GLU A OE2 1 
ATOM   363 N  N   . ILE A 1 52 ? 5.273   3.894   11.155  1.00 13.84 ? 44  ILE A N   1 
ATOM   364 C  CA  . ILE A 1 52 ? 4.953   2.792   10.276  1.00 15.98 ? 44  ILE A CA  1 
ATOM   365 C  C   . ILE A 1 52 ? 5.568   2.974   8.886   1.00 15.12 ? 44  ILE A C   1 
ATOM   366 O  O   . ILE A 1 52 ? 5.998   1.989   8.298   1.00 14.97 ? 44  ILE A O   1 
ATOM   367 C  CB  . ILE A 1 52 ? 3.445   2.419   10.324  1.00 15.69 ? 44  ILE A CB  1 
ATOM   368 C  CG1 . ILE A 1 52 ? 3.196   1.019   9.750   1.00 16.27 ? 44  ILE A CG1 1 
ATOM   369 C  CG2 . ILE A 1 52 ? 2.607   3.469   9.632   1.00 16.88 ? 44  ILE A CG2 1 
ATOM   370 C  CD1 . ILE A 1 52 ? 3.729   -0.125  10.591  1.00 20.22 ? 44  ILE A CD1 1 
ATOM   371 N  N   . ALA A 1 53 ? 5.666   4.219   8.387   1.00 14.20 ? 45  ALA A N   1 
ATOM   372 C  CA  . ALA A 1 53 ? 6.400   4.453   7.126   1.00 14.78 ? 45  ALA A CA  1 
ATOM   373 C  C   . ALA A 1 53 ? 7.835   3.948   7.210   1.00 15.61 ? 45  ALA A C   1 
ATOM   374 O  O   . ALA A 1 53 ? 8.296   3.282   6.276   1.00 15.25 ? 45  ALA A O   1 
ATOM   375 C  CB  . ALA A 1 53 ? 6.397   5.922   6.779   1.00 16.17 ? 45  ALA A CB  1 
ATOM   376 N  N   . LYS A 1 54 ? 8.511   4.246   8.322   1.00 16.05 ? 46  LYS A N   1 
ATOM   377 C  CA  . LYS A 1 54 ? 9.893   3.770   8.524   1.00 17.54 ? 46  LYS A CA  1 
ATOM   378 C  C   . LYS A 1 54 ? 9.963   2.251   8.512   1.00 17.69 ? 46  LYS A C   1 
ATOM   379 O  O   . LYS A 1 54 ? 10.796  1.649   7.826   1.00 18.14 ? 46  LYS A O   1 
ATOM   380 C  CB  . LYS A 1 54 ? 10.465  4.334   9.817   1.00 19.54 ? 46  LYS A CB  1 
ATOM   381 C  CG  . LYS A 1 54 ? 10.694  5.826   9.754   1.00 25.38 ? 46  LYS A CG  1 
ATOM   382 N  N   . LYS A 1 55 ? 9.048   1.611   9.226   1.00 15.08 ? 47  LYS A N   1 
ATOM   383 C  CA  . LYS A 1 55 ? 9.021   0.155   9.315   1.00 16.48 ? 47  LYS A CA  1 
ATOM   384 C  C   . LYS A 1 55 ? 8.851   -0.505  7.950   1.00 16.52 ? 47  LYS A C   1 
ATOM   385 O  O   . LYS A 1 55 ? 9.516   -1.493  7.633   1.00 18.31 ? 47  LYS A O   1 
ATOM   386 C  CB  . LYS A 1 55 ? 7.899   -0.285  10.279  1.00 19.53 ? 47  LYS A CB  1 
ATOM   387 C  CG  . LYS A 1 55 ? 7.716   -1.791  10.408  1.00 22.96 ? 47  LYS A CG  1 
ATOM   388 C  CD  . LYS A 1 55 ? 6.732   -2.121  11.525  1.00 28.30 ? 47  LYS A CD  1 
ATOM   389 N  N   . ILE A 1 56 ? 7.969   0.037   7.108   1.00 15.07 ? 48  ILE A N   1 
ATOM   390 C  CA  . ILE A 1 56 ? 7.697   -0.597  5.833   1.00 15.67 ? 48  ILE A CA  1 
ATOM   391 C  C   . ILE A 1 56 ? 8.459   -0.004  4.657   1.00 15.44 ? 48  ILE A C   1 
ATOM   392 O  O   . ILE A 1 56 ? 8.341   -0.534  3.557   1.00 18.55 ? 48  ILE A O   1 
ATOM   393 C  CB  . ILE A 1 56 ? 6.159   -0.672  5.533   1.00 14.39 ? 48  ILE A CB  1 
ATOM   394 C  CG1 . ILE A 1 56 ? 5.590   0.711   5.170   1.00 15.74 ? 48  ILE A CG1 1 
ATOM   395 C  CG2 . ILE A 1 56 ? 5.378   -1.319  6.718   1.00 18.01 ? 48  ILE A CG2 1 
ATOM   396 C  CD1 . ILE A 1 56 ? 4.142   0.687   4.630   1.00 17.65 ? 48  ILE A CD1 1 
ATOM   397 N  N   . GLY A 1 57 ? 9.231   1.047   4.896   1.00 15.70 ? 49  GLY A N   1 
ATOM   398 C  CA  . GLY A 1 57 ? 10.015  1.662   3.822   1.00 14.65 ? 49  GLY A CA  1 
ATOM   399 C  C   . GLY A 1 57 ? 9.218   2.516   2.856   1.00 18.41 ? 49  GLY A C   1 
ATOM   400 O  O   . GLY A 1 57 ? 9.726   2.847   1.779   1.00 20.55 ? 49  GLY A O   1 
ATOM   401 N  N   . ALA A 1 58 ? 8.007   2.935   3.229   1.00 14.34 ? 50  ALA A N   1 
ATOM   402 C  CA  . ALA A 1 58 ? 7.188   3.738   2.328   1.00 15.33 ? 50  ALA A CA  1 
ATOM   403 C  C   . ALA A 1 58 ? 7.680   5.169   2.252   1.00 15.07 ? 50  ALA A C   1 
ATOM   404 O  O   . ALA A 1 58 ? 8.094   5.758   3.242   1.00 16.54 ? 50  ALA A O   1 
ATOM   405 C  CB  . ALA A 1 58 ? 5.746   3.722   2.811   1.00 16.98 ? 50  ALA A CB  1 
ATOM   406 N  N   . LYS A 1 59 ? 7.636   5.737   1.047   1.00 15.01 ? 51  LYS A N   1 
ATOM   407 C  CA  . LYS A 1 59 ? 8.102   7.108   0.830   1.00 16.04 ? 51  LYS A CA  1 
ATOM   408 C  C   . LYS A 1 59 ? 7.054   8.020   0.226   1.00 18.06 ? 51  LYS A C   1 
ATOM   409 O  O   . LYS A 1 59 ? 7.341   9.184   -0.042  1.00 20.43 ? 51  LYS A O   1 
ATOM   410 C  CB  . LYS A 1 59 ? 9.400   7.137   -0.016  1.00 16.43 ? 51  LYS A CB  1 
ATOM   411 C  CG  . LYS A 1 59 ? 10.625  6.604   0.719   1.00 17.30 ? 51  LYS A CG  1 
ATOM   412 C  CD  . LYS A 1 59 ? 10.962  7.429   1.959   1.00 21.25 ? 51  LYS A CD  1 
ATOM   413 C  CE  . LYS A 1 59 ? 12.218  6.890   2.603   1.00 25.15 ? 51  LYS A CE  1 
ATOM   414 N  N   . VAL A 1 60 ? 5.843   7.496   0.039   1.00 15.66 ? 52  VAL A N   1 
ATOM   415 C  CA  . VAL A 1 60 ? 4.698   8.279   -0.449  1.00 16.76 ? 52  VAL A CA  1 
ATOM   416 C  C   . VAL A 1 60 ? 3.584   8.018   0.576   1.00 15.23 ? 52  VAL A C   1 
ATOM   417 O  O   . VAL A 1 60 ? 3.344   6.862   0.915   1.00 14.76 ? 52  VAL A O   1 
ATOM   418 C  CB  . VAL A 1 60 ? 4.286   7.849   -1.890  1.00 15.15 ? 52  VAL A CB  1 
ATOM   419 C  CG1 . VAL A 1 60 ? 3.041   8.560   -2.361  1.00 15.70 ? 52  VAL A CG1 1 
ATOM   420 C  CG2 . VAL A 1 60 ? 5.428   8.132   -2.865  1.00 16.59 ? 52  VAL A CG2 1 
ATOM   421 N  N   . PRO A 1 61 ? 2.874   9.037   1.063   1.00 13.70 ? 53  PRO A N   1 
ATOM   422 C  CA  . PRO A 1 61 ? 1.772   8.784   1.999   1.00 14.06 ? 53  PRO A CA  1 
ATOM   423 C  C   . PRO A 1 61 ? 0.627   8.042   1.328   1.00 14.50 ? 53  PRO A C   1 
ATOM   424 O  O   . PRO A 1 61 ? 0.464   8.050   0.091   1.00 15.71 ? 53  PRO A O   1 
ATOM   425 C  CB  . PRO A 1 61 ? 1.330   10.193  2.411   1.00 14.48 ? 53  PRO A CB  1 
ATOM   426 C  CG  . PRO A 1 61 ? 1.693   11.037  1.199   1.00 17.92 ? 53  PRO A CG  1 
ATOM   427 C  CD  . PRO A 1 61 ? 3.034   10.479  0.748   1.00 15.11 ? 53  PRO A CD  1 
ATOM   428 N  N   . GLY A 1 62 ? -0.180  7.389   2.157   1.00 13.73 ? 54  GLY A N   1 
ATOM   429 C  CA  . GLY A 1 62 ? -1.359  6.681   1.750   1.00 13.37 ? 54  GLY A CA  1 
ATOM   430 C  C   . GLY A 1 62 ? -1.527  5.390   2.516   1.00 13.03 ? 54  GLY A C   1 
ATOM   431 O  O   . GLY A 1 62 ? -0.973  5.214   3.601   1.00 14.84 ? 54  GLY A O   1 
ATOM   432 N  N   . LYS A 1 63 ? -2.330  4.524   1.940   1.00 12.94 ? 55  LYS A N   1 
ATOM   433 C  CA  . LYS A 1 63 ? -2.640  3.238   2.528   1.00 14.34 ? 55  LYS A CA  1 
ATOM   434 C  C   . LYS A 1 63 ? -1.778  2.160   1.891   1.00 12.50 ? 55  LYS A C   1 
ATOM   435 O  O   . LYS A 1 63 ? -1.583  2.178   0.668   1.00 13.45 ? 55  LYS A O   1 
ATOM   436 C  CB  . LYS A 1 63 ? -4.106  2.890   2.333   1.00 17.18 ? 55  LYS A CB  1 
ATOM   437 C  CG  . LYS A 1 63 ? -5.014  3.759   3.195   1.00 23.31 ? 55  LYS A CG  1 
ATOM   438 C  CD  . LYS A 1 63 ? -6.476  3.403   3.027   1.00 27.29 ? 55  LYS A CD  1 
ATOM   439 C  CE  . LYS A 1 63 ? -7.314  4.071   4.123   1.00 33.24 ? 55  LYS A CE  1 
ATOM   440 N  NZ  . LYS A 1 63 ? -7.166  5.560   4.132   1.00 36.93 ? 55  LYS A NZ  1 
ATOM   441 N  N   . TYR A 1 64 ? -1.240  1.276   2.726   1.00 12.75 ? 56  TYR A N   1 
ATOM   442 C  CA  . TYR A 1 64 ? -0.376  0.181   2.287   1.00 11.19 ? 56  TYR A CA  1 
ATOM   443 C  C   . TYR A 1 64 ? -0.796  -1.122  2.931   1.00 13.00 ? 56  TYR A C   1 
ATOM   444 O  O   . TYR A 1 64 ? -1.303  -1.131  4.067   1.00 13.80 ? 56  TYR A O   1 
ATOM   445 C  CB  . TYR A 1 64 ? 1.085   0.457   2.663   1.00 11.72 ? 56  TYR A CB  1 
ATOM   446 C  CG  . TYR A 1 64 ? 1.745   1.540   1.884   1.00 11.44 ? 56  TYR A CG  1 
ATOM   447 C  CD1 . TYR A 1 64 ? 2.565   1.238   0.784   1.00 12.23 ? 56  TYR A CD1 1 
ATOM   448 C  CD2 . TYR A 1 64 ? 1.565   2.874   2.237   1.00 12.22 ? 56  TYR A CD2 1 
ATOM   449 C  CE1 . TYR A 1 64 ? 3.176   2.265   0.068   1.00 12.14 ? 56  TYR A CE1 1 
ATOM   450 C  CE2 . TYR A 1 64 ? 2.175   3.897   1.533   1.00 11.61 ? 56  TYR A CE2 1 
ATOM   451 C  CZ  . TYR A 1 64 ? 2.959   3.563   0.431   1.00 12.01 ? 56  TYR A CZ  1 
ATOM   452 O  OH  . TYR A 1 64 ? 3.580   4.573   -0.288  1.00 14.14 ? 56  TYR A OH  1 
ATOM   453 N  N   . ALA A 1 65 ? -0.586  -2.228  2.236   1.00 12.08 ? 57  ALA A N   1 
ATOM   454 C  CA  . ALA A 1 65 ? -0.769  -3.570  2.811   1.00 12.30 ? 57  ALA A CA  1 
ATOM   455 C  C   . ALA A 1 65 ? 0.561   -4.135  3.273   1.00 14.51 ? 57  ALA A C   1 
ATOM   456 O  O   . ALA A 1 65 ? 1.553   -4.028  2.553   1.00 15.81 ? 57  ALA A O   1 
ATOM   457 C  CB  . ALA A 1 65 ? -1.363  -4.490  1.761   1.00 13.37 ? 57  ALA A CB  1 
ATOM   458 N  N   . ILE A 1 66 ? 0.610   -4.761  4.443   1.00 15.19 ? 58  ILE A N   1 
ATOM   459 C  CA  . ILE A 1 66 ? 1.845   -5.439  4.862   1.00 16.91 ? 58  ILE A CA  1 
ATOM   460 C  C   . ILE A 1 66 ? 2.087   -6.656  3.987   1.00 16.90 ? 58  ILE A C   1 
ATOM   461 O  O   . ILE A 1 66 ? 3.227   -6.886  3.559   1.00 18.00 ? 58  ILE A O   1 
ATOM   462 C  CB  . ILE A 1 66 ? 1.791   -5.830  6.366   1.00 17.48 ? 58  ILE A CB  1 
ATOM   463 C  CG1 . ILE A 1 66 ? 1.575   -4.599  7.251   1.00 20.35 ? 58  ILE A CG1 1 
ATOM   464 C  CG2 . ILE A 1 66 ? 3.079   -6.585  6.750   1.00 19.38 ? 58  ILE A CG2 1 
ATOM   465 C  CD1 . ILE A 1 66 ? 2.594   -3.548  7.071   1.00 20.83 ? 58  ILE A CD1 1 
ATOM   466 N  N   . ARG A 1 67 ? 1.028   -7.408  3.716   1.00 16.83 ? 59  ARG A N   1 
ATOM   467 C  CA  . ARG A 1 67 ? 1.090   -8.654  2.943   1.00 18.79 ? 59  ARG A CA  1 
ATOM   468 C  C   . ARG A 1 67 ? 0.289   -8.520  1.639   1.00 18.39 ? 59  ARG A C   1 
ATOM   469 O  O   . ARG A 1 67 ? -0.869  -8.060  1.655   1.00 17.26 ? 59  ARG A O   1 
ATOM   470 C  CB  . ARG A 1 67 ? 0.514   -9.812  3.771   1.00 22.11 ? 59  ARG A CB  1 
ATOM   471 C  CG  . ARG A 1 67 ? 1.245   -10.137 5.085   1.00 25.80 ? 59  ARG A CG  1 
ATOM   472 C  CD  . ARG A 1 67 ? 0.462   -11.109 6.008   1.00 25.93 ? 59  ARG A CD  1 
ATOM   473 N  NE  . ARG A 1 67 ? -0.008  -12.278 5.258   1.00 28.78 ? 59  ARG A NE  1 
ATOM   474 C  CZ  . ARG A 1 67 ? -1.109  -12.974 5.519   1.00 31.30 ? 59  ARG A CZ  1 
ATOM   475 N  NH1 . ARG A 1 67 ? -1.890  -12.644 6.544   1.00 32.09 ? 59  ARG A NH1 1 
ATOM   476 N  NH2 . ARG A 1 67 ? -1.425  -14.002 4.739   1.00 31.38 ? 59  ARG A NH2 1 
ATOM   477 N  N   . VAL A 1 68 ? 0.908   -8.927  0.515   1.00 16.88 ? 60  VAL A N   1 
ATOM   478 C  CA  . VAL A 1 68 ? 0.249   -8.942  -0.786  1.00 16.40 ? 60  VAL A CA  1 
ATOM   479 C  C   . VAL A 1 68 ? 0.560   -10.255 -1.495  1.00 18.02 ? 60  VAL A C   1 
ATOM   480 O  O   . VAL A 1 68 ? 1.717   -10.663 -1.534  1.00 21.15 ? 60  VAL A O   1 
ATOM   481 C  CB  . VAL A 1 68 ? 0.682   -7.760  -1.694  1.00 15.76 ? 60  VAL A CB  1 
ATOM   482 C  CG1 . VAL A 1 68 ? -0.088  -7.749  -2.997  1.00 16.74 ? 60  VAL A CG1 1 
ATOM   483 C  CG2 . VAL A 1 68 ? 0.494   -6.429  -0.957  1.00 16.44 ? 60  VAL A CG2 1 
ATOM   484 N  N   . ARG A 1 69 ? -0.469  -10.868 -2.057  1.00 18.35 ? 61  ARG A N   1 
ATOM   485 C  CA  . ARG A 1 69 ? -0.303  -12.076 -2.873  1.00 21.50 ? 61  ARG A CA  1 
ATOM   486 C  C   . ARG A 1 69 ? -0.543  -11.727 -4.333  1.00 21.45 ? 61  ARG A C   1 
ATOM   487 O  O   . ARG A 1 69 ? -1.670  -11.673 -4.827  1.00 21.85 ? 61  ARG A O   1 
ATOM   488 C  CB  . ARG A 1 69 ? -1.264  -13.186 -2.417  1.00 22.77 ? 61  ARG A CB  1 
ATOM   489 O  OXT . ARG A 1 69 ? 0.420   -11.455 -5.052  1.00 26.16 ? 61  ARG A OXT 1 
HETATM 490 ZN ZN  . ZN  B 2 .  ? 3.423   0.223   -6.652  1.00 12.01 ? 101 ZN  A ZN  1 
HETATM 491 O  O   . HOH C 3 .  ? 4.134   -2.816  3.194   1.00 24.05 ? 102 HOH A O   1 
HETATM 492 O  O   . HOH C 3 .  ? 6.480   1.058   -0.640  1.00 17.06 ? 103 HOH A O   1 
HETATM 493 O  O   . HOH C 3 .  ? 6.212   3.872   -0.999  1.00 18.85 ? 104 HOH A O   1 
HETATM 494 O  O   . HOH C 3 .  ? 8.152   4.526   -2.847  1.00 20.18 ? 105 HOH A O   1 
HETATM 495 O  O   . HOH C 3 .  ? 8.258   2.529   -4.709  1.00 21.66 ? 106 HOH A O   1 
HETATM 496 O  O   . HOH C 3 .  ? 12.571  2.965   1.618   1.00 21.67 ? 107 HOH A O   1 
HETATM 497 O  O   . HOH C 3 .  ? -3.637  4.635   -0.659  1.00 21.18 ? 108 HOH A O   1 
HETATM 498 O  O   . HOH C 3 .  ? -7.399  -0.928  -8.158  1.00 29.62 ? 109 HOH A O   1 
HETATM 499 O  O   . HOH C 3 .  ? -2.649  5.421   -10.930 1.00 24.24 ? 110 HOH A O   1 
HETATM 500 O  O   . HOH C 3 .  ? -0.142  6.051   -11.984 1.00 29.22 ? 111 HOH A O   1 
HETATM 501 O  O   . HOH C 3 .  ? 1.177   8.931   -10.116 1.00 27.95 ? 112 HOH A O   1 
HETATM 502 O  O   . HOH C 3 .  ? -3.981  -3.299  -13.288 1.00 23.82 ? 113 HOH A O   1 
HETATM 503 O  O   . HOH C 3 .  ? -3.118  -7.638  -11.558 1.00 25.78 ? 114 HOH A O   1 
HETATM 504 O  O   . HOH C 3 .  ? -0.497  -8.748  -11.805 1.00 21.18 ? 115 HOH A O   1 
HETATM 505 O  O   . HOH C 3 .  ? -5.516  -10.477 -7.642  1.00 34.44 ? 116 HOH A O   1 
HETATM 506 O  O   . HOH C 3 .  ? 4.636   -8.238  -2.858  1.00 26.82 ? 117 HOH A O   1 
HETATM 507 O  O   . HOH C 3 .  ? 2.627   -13.201 -1.100  1.00 28.27 ? 118 HOH A O   1 
HETATM 508 O  O   . HOH C 3 .  ? -1.364  12.142  3.300   1.00 20.76 ? 119 HOH A O   1 
HETATM 509 O  O   . HOH C 3 .  ? 2.904   -10.109 -4.294  1.00 24.96 ? 120 HOH A O   1 
HETATM 510 O  O   . HOH C 3 .  ? 3.754   -9.845  0.814   1.00 26.34 ? 121 HOH A O   1 
HETATM 511 O  O   . HOH C 3 .  ? -2.702  9.454   3.751   1.00 27.29 ? 122 HOH A O   1 
HETATM 512 O  O   . HOH C 3 .  ? 10.236  5.636   5.085   1.00 24.44 ? 123 HOH A O   1 
HETATM 513 O  O   . HOH C 3 .  ? 9.819   2.914   -0.963  1.00 21.38 ? 124 HOH A O   1 
HETATM 514 O  O   . HOH C 3 .  ? 8.816   0.801   -2.574  1.00 26.60 ? 125 HOH A O   1 
HETATM 515 O  O   . HOH C 3 .  ? 5.930   -1.027  1.730   1.00 29.21 ? 126 HOH A O   1 
HETATM 516 O  O   . HOH C 3 .  ? 5.491   -4.619  4.481   1.00 32.91 ? 127 HOH A O   1 
HETATM 517 O  O   . HOH C 3 .  ? 9.196   -5.033  -4.988  1.00 26.75 ? 128 HOH A O   1 
HETATM 518 O  O   . HOH C 3 .  ? -1.254  0.909   -5.750  1.00 22.26 ? 129 HOH A O   1 
HETATM 519 O  O   . HOH C 3 .  ? 2.174   1.223   -16.133 1.00 16.57 ? 130 HOH A O   1 
HETATM 520 O  O   . HOH C 3 .  ? 3.860   12.724  3.356   1.00 20.81 ? 131 HOH A O   1 
HETATM 521 O  O   . HOH C 3 .  ? 6.437   11.697  -0.681  1.00 32.47 ? 132 HOH A O   1 
HETATM 522 O  O   . HOH C 3 .  ? 9.582   6.995   13.832  1.00 32.71 ? 133 HOH A O   1 
HETATM 523 O  O   . HOH C 3 .  ? -2.387  -9.737  11.237  1.00 35.14 ? 134 HOH A O   1 
HETATM 524 O  O   . HOH C 3 .  ? 1.257   -8.920  8.956   1.00 35.12 ? 135 HOH A O   1 
# 
